data_5UDG
#
_entry.id   5UDG
#
_cell.length_a   87.308
_cell.length_b   87.308
_cell.length_c   196.734
_cell.angle_alpha   90.00
_cell.angle_beta   90.00
_cell.angle_gamma   120.00
#
_symmetry.space_group_name_H-M   'P 32 2 1'
#
loop_
_entity.id
_entity.type
_entity.pdbx_description
1 polymer 'NADPH-dependent 7-cyano-7-deazaguanine reductase'
2 non-polymer 'MAGNESIUM ION'
3 non-polymer 'TRIETHYLENE GLYCOL'
4 water water
#
_entity_poly.entity_id   1
_entity_poly.type   'polypeptide(L)'
_entity_poly.pdbx_seq_one_letter_code
;NYLFEYAPDVLESFPNKHVNRDYFVKFNCPEFTSLCPKTGQPDFATIYISYIPDEKMVESKSLKLYLFSFRNHGDFHQDC
MNIIMNDLIELMDPRYIEVWGKFTPRGGISIDPYTNYGKPGTKYEKMAEYRMMNHDLYPETIDNR
;
_entity_poly.pdbx_strand_id   A,B,C,D,E
#
loop_
_chem_comp.id
_chem_comp.type
_chem_comp.name
_chem_comp.formula
MG non-polymer 'MAGNESIUM ION' 'Mg 2'
PGE non-polymer 'TRIETHYLENE GLYCOL' 'C6 H14 O4'
#
# COMPACT_ATOMS: atom_id res chain seq x y z
N ASN A 1 4.89 -8.71 41.33
CA ASN A 1 4.48 -9.38 40.06
C ASN A 1 4.08 -8.38 38.97
N TYR A 2 2.77 -8.27 38.70
CA TYR A 2 2.23 -7.55 37.53
C TYR A 2 1.99 -6.05 37.70
N LEU A 3 2.66 -5.45 38.68
CA LEU A 3 2.50 -4.01 38.97
C LEU A 3 3.79 -3.22 38.65
N PHE A 4 4.92 -3.67 39.18
CA PHE A 4 6.18 -2.94 39.02
C PHE A 4 7.31 -3.68 38.26
N GLU A 5 7.08 -4.91 37.79
CA GLU A 5 8.12 -5.63 37.05
C GLU A 5 7.66 -6.67 36.01
N TYR A 6 8.57 -6.98 35.10
CA TYR A 6 8.39 -8.01 34.05
C TYR A 6 7.74 -9.29 34.56
N ALA A 7 6.60 -9.61 33.97
CA ALA A 7 5.80 -10.71 34.39
C ALA A 7 5.33 -11.59 33.22
N PRO A 8 6.25 -12.40 32.62
CA PRO A 8 5.77 -13.27 31.54
C PRO A 8 4.70 -14.27 32.00
N ASP A 9 4.76 -14.66 33.26
CA ASP A 9 3.80 -15.60 33.83
C ASP A 9 2.36 -15.06 33.87
N VAL A 10 2.16 -13.78 33.55
CA VAL A 10 0.80 -13.28 33.48
C VAL A 10 0.08 -13.74 32.21
N LEU A 11 0.86 -14.10 31.20
CA LEU A 11 0.28 -14.49 29.95
C LEU A 11 -0.52 -15.79 30.11
N GLU A 12 -1.55 -15.92 29.29
CA GLU A 12 -2.55 -16.95 29.41
C GLU A 12 -3.18 -17.23 28.08
N SER A 13 -3.57 -18.50 27.90
CA SER A 13 -4.16 -18.95 26.67
C SER A 13 -5.53 -19.59 26.84
N PHE A 14 -6.14 -19.87 25.70
CA PHE A 14 -7.37 -20.61 25.66
C PHE A 14 -7.41 -21.28 24.29
N PRO A 15 -8.03 -22.46 24.20
CA PRO A 15 -8.10 -23.25 22.98
C PRO A 15 -8.56 -22.47 21.76
N ASN A 16 -7.84 -22.53 20.65
CA ASN A 16 -8.33 -22.01 19.36
C ASN A 16 -9.43 -22.92 18.80
N LYS A 17 -10.67 -22.46 18.84
CA LYS A 17 -11.77 -23.35 18.39
C LYS A 17 -11.87 -23.47 16.87
N HIS A 18 -10.77 -23.19 16.18
CA HIS A 18 -10.76 -23.11 14.72
C HIS A 18 -9.44 -23.54 14.17
N VAL A 19 -8.88 -24.60 14.76
CA VAL A 19 -7.54 -25.12 14.33
C VAL A 19 -7.52 -25.48 12.85
N ASN A 20 -8.71 -25.56 12.26
CA ASN A 20 -8.89 -25.96 10.86
C ASN A 20 -8.69 -24.88 9.83
N ARG A 21 -8.78 -23.63 10.25
CA ARG A 21 -8.49 -22.50 9.38
C ARG A 21 -7.21 -21.77 9.81
N ASP A 22 -6.78 -20.82 8.98
CA ASP A 22 -5.84 -19.82 9.43
C ASP A 22 -6.68 -18.61 9.89
N TYR A 23 -6.75 -18.41 11.21
CA TYR A 23 -7.46 -17.28 11.78
C TYR A 23 -6.40 -16.27 12.10
N PHE A 24 -6.45 -15.12 11.43
CA PHE A 24 -5.45 -14.06 11.58
C PHE A 24 -5.89 -12.97 12.57
N VAL A 25 -5.16 -12.85 13.66
CA VAL A 25 -5.54 -11.93 14.73
C VAL A 25 -4.50 -10.86 14.84
N LYS A 26 -4.97 -9.63 14.99
CA LYS A 26 -4.08 -8.50 15.17
C LYS A 26 -4.45 -7.68 16.42
N PHE A 27 -3.45 -7.41 17.26
CA PHE A 27 -3.59 -6.52 18.39
C PHE A 27 -2.87 -5.21 18.09
N ASN A 28 -3.60 -4.11 18.09
CA ASN A 28 -3.01 -2.77 18.05
C ASN A 28 -2.81 -2.27 19.50
N CYS A 29 -1.59 -1.86 19.85
CA CYS A 29 -1.27 -1.56 21.22
C CYS A 29 -0.52 -0.21 21.35
N PRO A 30 -1.26 0.88 21.46
CA PRO A 30 -0.76 2.24 21.41
C PRO A 30 -0.18 2.71 22.75
N GLU A 31 -0.53 2.01 23.83
CA GLU A 31 -0.22 2.49 25.18
C GLU A 31 0.97 1.74 25.73
N PHE A 32 1.94 1.47 24.86
CA PHE A 32 3.10 0.72 25.28
C PHE A 32 4.18 1.65 25.74
N THR A 33 4.76 1.35 26.91
CA THR A 33 5.89 2.13 27.38
C THR A 33 6.79 1.27 28.23
N SER A 34 8.10 1.53 28.16
CA SER A 34 9.03 0.78 29.00
C SER A 34 10.26 1.59 29.41
N LEU A 35 11.13 0.97 30.20
CA LEU A 35 12.46 1.52 30.46
C LEU A 35 13.55 0.73 29.71
N CYS A 36 13.21 0.14 28.58
CA CYS A 36 14.19 -0.62 27.81
C CYS A 36 15.46 0.17 27.44
N PRO A 37 15.33 1.44 27.00
CA PRO A 37 16.55 2.08 26.48
C PRO A 37 17.69 2.06 27.50
N LYS A 38 18.87 1.70 27.01
CA LYS A 38 20.13 1.64 27.77
C LYS A 38 20.19 2.73 28.83
N THR A 39 19.93 3.95 28.38
CA THR A 39 19.96 5.15 29.18
C THR A 39 19.12 5.17 30.46
N GLY A 40 17.97 4.52 30.46
CA GLY A 40 17.07 4.58 31.63
C GLY A 40 15.88 5.52 31.51
N GLN A 41 15.85 6.40 30.50
CA GLN A 41 14.64 7.16 30.15
C GLN A 41 13.58 6.21 29.61
N PRO A 42 12.28 6.57 29.74
CA PRO A 42 11.27 5.71 29.11
C PRO A 42 11.34 5.79 27.60
N ASP A 43 10.81 4.76 26.95
CA ASP A 43 10.47 4.85 25.54
C ASP A 43 8.97 4.77 25.49
N PHE A 44 8.43 4.93 24.30
CA PHE A 44 6.98 4.89 24.05
C PHE A 44 6.81 4.38 22.64
N ALA A 45 5.78 3.58 22.39
CA ALA A 45 5.57 3.04 21.06
C ALA A 45 4.17 2.56 20.93
N THR A 46 3.69 2.54 19.70
CA THR A 46 2.56 1.70 19.33
C THR A 46 3.23 0.40 18.88
N ILE A 47 2.73 -0.69 19.45
CA ILE A 47 3.21 -2.00 19.14
C ILE A 47 2.09 -2.77 18.52
N TYR A 48 2.39 -3.36 17.36
CA TYR A 48 1.44 -4.14 16.61
C TYR A 48 1.88 -5.62 16.63
N ILE A 49 1.05 -6.48 17.19
CA ILE A 49 1.35 -7.88 17.32
C ILE A 49 0.35 -8.66 16.50
N SER A 50 0.70 -9.01 15.26
CA SER A 50 -0.17 -9.91 14.43
C SER A 50 0.33 -11.36 14.50
N TYR A 51 -0.60 -12.31 14.46
CA TYR A 51 -0.27 -13.72 14.53
C TYR A 51 -1.43 -14.68 14.11
N ILE A 52 -1.05 -15.89 13.71
CA ILE A 52 -1.97 -16.99 13.37
C ILE A 52 -1.78 -18.12 14.35
N PRO A 53 -2.78 -18.40 15.20
CA PRO A 53 -2.67 -19.41 16.25
C PRO A 53 -2.66 -20.83 15.68
N ASP A 54 -2.04 -21.75 16.41
CA ASP A 54 -2.26 -23.19 16.15
C ASP A 54 -3.37 -23.69 17.05
N GLU A 55 -3.04 -24.22 18.22
CA GLU A 55 -4.07 -24.74 19.12
C GLU A 55 -4.44 -23.73 20.16
N LYS A 56 -3.54 -22.79 20.42
CA LYS A 56 -3.72 -21.87 21.54
C LYS A 56 -3.92 -20.40 21.10
N MET A 57 -4.79 -19.72 21.82
CA MET A 57 -4.96 -18.28 21.67
C MET A 57 -4.64 -17.60 22.99
N VAL A 58 -4.02 -16.44 22.90
CA VAL A 58 -3.68 -15.62 24.05
C VAL A 58 -4.92 -14.85 24.53
N GLU A 59 -5.19 -14.87 25.83
N GLU A 59 -5.17 -14.91 25.84
CA GLU A 59 -6.38 -14.16 26.33
CA GLU A 59 -6.21 -14.07 26.43
CA GLU A 59 -8.35 -18.21 29.67
C GLU A 59 -6.12 -12.67 26.51
C GLU A 59 -5.79 -12.63 26.19
N SER A 60 -6.69 -11.84 25.62
CA SER A 60 -6.43 -10.36 25.51
C SER A 60 -6.14 -9.56 26.82
N LYS A 61 -6.95 -9.77 27.83
CA LYS A 61 -6.72 -9.13 29.11
C LYS A 61 -5.30 -9.40 29.64
N SER A 62 -4.75 -10.59 29.43
CA SER A 62 -3.42 -10.94 30.00
C SER A 62 -2.29 -10.32 29.20
N LEU A 63 -2.52 -10.14 27.91
CA LEU A 63 -1.60 -9.42 27.08
C LEU A 63 -1.53 -7.95 27.53
N LYS A 64 -2.69 -7.33 27.76
CA LYS A 64 -2.73 -5.99 28.38
C LYS A 64 -1.83 -5.93 29.65
N LEU A 65 -2.02 -6.85 30.58
CA LEU A 65 -1.25 -6.89 31.83
C LEU A 65 0.22 -7.19 31.60
N TYR A 66 0.47 -8.07 30.64
CA TYR A 66 1.81 -8.42 30.26
C TYR A 66 2.55 -7.18 29.76
N LEU A 67 1.93 -6.44 28.85
CA LEU A 67 2.58 -5.25 28.28
C LEU A 67 2.72 -4.18 29.34
N PHE A 68 1.69 -4.04 30.19
CA PHE A 68 1.74 -3.12 31.33
CA PHE A 68 1.77 -3.12 31.32
C PHE A 68 3.03 -3.37 32.12
N SER A 69 3.38 -4.65 32.25
CA SER A 69 4.56 -5.06 33.05
C SER A 69 5.90 -4.54 32.53
N PHE A 70 5.95 -4.05 31.30
CA PHE A 70 7.18 -3.47 30.77
C PHE A 70 7.46 -2.05 31.26
N ARG A 71 6.50 -1.53 32.00
CA ARG A 71 6.47 -0.13 32.34
C ARG A 71 7.69 0.26 33.10
N ASN A 72 8.08 -0.58 34.05
CA ASN A 72 9.25 -0.28 34.88
C ASN A 72 10.45 -1.21 34.64
N HIS A 73 10.56 -1.70 33.40
CA HIS A 73 11.54 -2.72 33.04
C HIS A 73 12.49 -2.33 31.93
N GLY A 74 13.78 -2.44 32.23
CA GLY A 74 14.82 -2.14 31.25
C GLY A 74 15.97 -3.11 31.25
N ASP A 75 15.67 -4.40 31.04
CA ASP A 75 16.71 -5.40 30.89
C ASP A 75 16.97 -5.68 29.41
N PHE A 76 17.54 -4.67 28.76
CA PHE A 76 17.98 -4.70 27.37
C PHE A 76 19.28 -5.53 27.29
N HIS A 77 19.30 -6.69 27.97
CA HIS A 77 20.30 -7.74 27.73
C HIS A 77 19.81 -8.64 26.62
N GLN A 78 18.56 -8.39 26.22
CA GLN A 78 17.96 -8.88 24.99
C GLN A 78 17.33 -7.63 24.35
N ASP A 79 16.61 -7.78 23.25
CA ASP A 79 15.85 -6.67 22.71
C ASP A 79 14.35 -6.82 23.05
N CYS A 80 13.69 -5.72 23.37
CA CYS A 80 12.33 -5.81 23.90
C CYS A 80 11.28 -6.33 22.94
N MET A 81 11.43 -6.02 21.66
CA MET A 81 10.47 -6.54 20.70
C MET A 81 10.64 -8.07 20.58
N ASN A 82 11.87 -8.57 20.60
CA ASN A 82 12.12 -10.01 20.54
C ASN A 82 11.66 -10.77 21.79
N ILE A 83 11.85 -10.17 22.96
CA ILE A 83 11.35 -10.72 24.21
C ILE A 83 9.85 -10.92 24.11
N ILE A 84 9.16 -9.92 23.53
CA ILE A 84 7.72 -9.99 23.41
C ILE A 84 7.34 -11.12 22.47
N MET A 85 7.89 -11.14 21.26
CA MET A 85 7.58 -12.21 20.32
C MET A 85 7.87 -13.59 20.95
N ASN A 86 9.08 -13.76 21.52
CA ASN A 86 9.46 -14.98 22.27
C ASN A 86 8.49 -15.47 23.34
N ASP A 87 8.10 -14.61 24.28
CA ASP A 87 7.25 -15.07 25.39
C ASP A 87 5.94 -15.54 24.82
N LEU A 88 5.55 -14.92 23.72
CA LEU A 88 4.33 -15.29 23.02
C LEU A 88 4.45 -16.60 22.23
N ILE A 89 5.61 -16.83 21.62
CA ILE A 89 5.93 -18.12 21.04
C ILE A 89 5.89 -19.16 22.19
N GLU A 90 6.57 -18.89 23.29
CA GLU A 90 6.58 -19.82 24.42
C GLU A 90 5.19 -20.12 24.87
N LEU A 91 4.29 -19.13 24.84
CA LEU A 91 2.99 -19.37 25.42
C LEU A 91 2.04 -20.08 24.44
N MET A 92 2.28 -19.95 23.14
CA MET A 92 1.25 -20.29 22.17
C MET A 92 1.64 -21.36 21.15
N ASP A 93 2.92 -21.38 20.76
CA ASP A 93 3.37 -22.26 19.68
C ASP A 93 2.49 -22.00 18.47
N PRO A 94 2.60 -20.80 17.89
CA PRO A 94 1.68 -20.40 16.84
C PRO A 94 2.24 -20.69 15.46
N ARG A 95 1.39 -20.82 14.45
CA ARG A 95 1.92 -21.02 13.12
C ARG A 95 2.80 -19.84 12.72
N TYR A 96 2.35 -18.62 13.05
CA TYR A 96 2.94 -17.35 12.59
C TYR A 96 2.80 -16.23 13.61
N ILE A 97 3.77 -15.35 13.70
CA ILE A 97 3.64 -14.25 14.60
C ILE A 97 4.64 -13.16 14.19
N GLU A 98 4.26 -11.90 14.40
CA GLU A 98 5.17 -10.75 14.21
C GLU A 98 4.91 -9.68 15.23
N VAL A 99 5.94 -8.88 15.42
CA VAL A 99 5.90 -7.82 16.39
C VAL A 99 6.55 -6.61 15.73
N TRP A 100 5.70 -5.64 15.37
CA TRP A 100 6.14 -4.42 14.75
C TRP A 100 5.99 -3.30 15.76
N GLY A 101 7.06 -2.60 16.07
CA GLY A 101 6.96 -1.44 16.98
C GLY A 101 7.17 -0.11 16.28
N LYS A 102 6.42 0.92 16.69
CA LYS A 102 6.71 2.30 16.23
C LYS A 102 6.96 3.22 17.42
N PHE A 103 8.22 3.67 17.58
CA PHE A 103 8.59 4.42 18.76
C PHE A 103 8.58 5.92 18.49
N THR A 104 8.37 6.71 19.54
CA THR A 104 8.45 8.15 19.39
C THR A 104 9.91 8.56 19.26
N PRO A 105 10.18 9.76 18.74
CA PRO A 105 11.58 10.04 18.47
C PRO A 105 12.38 10.39 19.72
N ARG A 106 13.71 10.33 19.56
CA ARG A 106 14.72 10.63 20.59
C ARG A 106 15.93 11.11 19.82
N GLY A 107 16.42 12.32 20.11
CA GLY A 107 17.57 12.85 19.36
C GLY A 107 17.16 13.08 17.94
N GLY A 108 15.85 13.26 17.78
CA GLY A 108 15.26 13.53 16.47
C GLY A 108 15.09 12.33 15.55
N ILE A 109 15.35 11.14 16.08
CA ILE A 109 15.29 9.93 15.31
C ILE A 109 14.33 8.98 15.98
N SER A 110 13.43 8.44 15.19
CA SER A 110 12.58 7.42 15.74
C SER A 110 12.88 6.04 15.13
N ILE A 111 12.95 5.04 16.00
CA ILE A 111 13.26 3.66 15.65
C ILE A 111 12.01 2.78 15.54
N ASP A 112 11.88 2.03 14.44
CA ASP A 112 10.80 1.05 14.24
C ASP A 112 11.31 -0.43 14.03
N PRO A 113 11.42 -1.19 15.11
CA PRO A 113 11.95 -2.54 14.98
C PRO A 113 10.87 -3.49 14.54
N TYR A 114 11.23 -4.51 13.76
CA TYR A 114 10.27 -5.52 13.28
C TYR A 114 10.94 -6.89 13.24
N THR A 115 10.34 -7.89 13.91
CA THR A 115 10.73 -9.32 13.78
C THR A 115 9.53 -10.20 13.62
N ASN A 116 9.67 -11.30 12.85
CA ASN A 116 8.60 -12.29 12.75
C ASN A 116 9.16 -13.69 12.84
N TYR A 117 8.28 -14.67 12.69
CA TYR A 117 8.54 -16.08 12.89
C TYR A 117 7.38 -16.85 12.26
N GLY A 118 7.70 -17.79 11.35
CA GLY A 118 6.74 -18.80 10.86
C GLY A 118 7.27 -20.21 11.13
N LYS A 119 6.40 -21.13 11.62
CA LYS A 119 6.79 -22.53 11.94
C LYS A 119 7.76 -23.11 10.89
N PRO A 120 8.95 -23.57 11.34
CA PRO A 120 9.98 -23.91 10.35
C PRO A 120 9.59 -25.07 9.42
N GLY A 121 10.04 -25.01 8.18
CA GLY A 121 9.72 -26.07 7.26
C GLY A 121 8.32 -26.07 6.69
N THR A 122 7.40 -25.33 7.32
CA THR A 122 6.09 -25.06 6.70
C THR A 122 5.96 -23.76 5.88
N LYS A 123 4.77 -23.57 5.32
CA LYS A 123 4.44 -22.38 4.51
C LYS A 123 4.48 -21.05 5.32
N TYR A 124 4.30 -21.13 6.63
CA TYR A 124 4.46 -20.01 7.53
C TYR A 124 5.84 -19.41 7.53
N GLU A 125 6.83 -20.20 7.20
CA GLU A 125 8.17 -19.72 7.22
C GLU A 125 8.33 -18.98 5.92
N LYS A 126 7.68 -19.53 4.89
CA LYS A 126 7.58 -18.85 3.61
C LYS A 126 6.94 -17.46 3.83
N MET A 127 5.88 -17.41 4.61
CA MET A 127 5.19 -16.19 4.98
C MET A 127 6.06 -15.19 5.73
N ALA A 128 6.67 -15.64 6.82
CA ALA A 128 7.61 -14.80 7.56
C ALA A 128 8.65 -14.21 6.63
N GLU A 129 9.01 -14.97 5.61
CA GLU A 129 10.11 -14.63 4.72
C GLU A 129 9.67 -13.57 3.73
N TYR A 130 8.50 -13.80 3.17
CA TYR A 130 7.87 -12.90 2.25
C TYR A 130 7.53 -11.52 2.90
N ARG A 131 6.86 -11.56 4.05
CA ARG A 131 6.46 -10.38 4.78
C ARG A 131 7.66 -9.60 5.22
N MET A 132 8.78 -10.29 5.41
CA MET A 132 10.03 -9.63 5.78
C MET A 132 10.68 -8.97 4.57
N MET A 133 10.49 -9.54 3.40
CA MET A 133 11.12 -9.01 2.20
C MET A 133 10.24 -7.83 1.71
N ASN A 134 8.98 -7.87 2.10
CA ASN A 134 8.01 -6.84 1.82
C ASN A 134 7.82 -5.86 2.98
N HIS A 135 8.71 -5.86 3.97
CA HIS A 135 8.37 -5.12 5.17
C HIS A 135 8.37 -3.67 4.89
N ASP A 136 7.30 -3.01 5.32
CA ASP A 136 7.21 -1.55 5.37
C ASP A 136 7.65 -0.93 4.08
N LEU A 137 7.25 -1.56 2.99
CA LEU A 137 7.64 -1.11 1.71
C LEU A 137 7.00 0.21 1.37
N TYR A 138 5.81 0.46 1.92
CA TYR A 138 5.04 1.68 1.68
C TYR A 138 4.91 2.51 2.94
N PRO A 139 6.00 3.21 3.29
CA PRO A 139 6.24 3.78 4.63
C PRO A 139 5.30 4.90 5.01
N GLU A 140 5.01 5.00 6.31
CA GLU A 140 4.30 6.16 6.82
C GLU A 140 5.27 7.36 6.87
N THR A 141 4.70 8.51 6.52
CA THR A 141 5.42 9.80 6.53
C THR A 141 5.70 10.35 7.93
N ILE A 142 6.98 10.58 8.20
CA ILE A 142 7.43 11.05 9.52
C ILE A 142 7.98 12.49 9.45
N ASP A 143 7.41 13.39 10.26
CA ASP A 143 7.99 14.75 10.39
C ASP A 143 8.31 15.18 11.84
N ASN A 144 7.95 14.31 12.81
CA ASN A 144 8.09 14.55 14.27
C ASN A 144 6.92 15.32 14.90
N ARG A 145 5.88 15.60 14.12
CA ARG A 145 4.80 16.50 14.53
C ARG A 145 3.44 15.79 14.54
N ASN B 1 -35.92 -13.67 15.93
CA ASN B 1 -35.33 -13.16 14.65
C ASN B 1 -34.69 -11.77 14.74
N TYR B 2 -34.36 -11.21 13.57
CA TYR B 2 -33.70 -9.89 13.39
C TYR B 2 -33.73 -8.97 14.61
N LEU B 3 -34.95 -8.66 15.06
CA LEU B 3 -35.21 -7.68 16.12
C LEU B 3 -34.31 -7.86 17.35
N PHE B 4 -34.36 -9.05 17.94
CA PHE B 4 -33.73 -9.26 19.23
C PHE B 4 -32.89 -10.54 19.37
N GLU B 5 -32.65 -11.26 18.27
CA GLU B 5 -31.70 -12.39 18.30
C GLU B 5 -30.95 -12.73 17.00
N TYR B 6 -29.90 -13.56 17.13
CA TYR B 6 -29.15 -14.14 15.99
C TYR B 6 -30.10 -14.80 14.96
N ALA B 7 -30.03 -14.35 13.70
CA ALA B 7 -30.99 -14.76 12.68
C ALA B 7 -30.35 -15.03 11.31
N PRO B 8 -29.65 -16.18 11.15
CA PRO B 8 -29.05 -16.57 9.84
C PRO B 8 -30.08 -16.78 8.75
N ASP B 9 -31.27 -17.20 9.17
CA ASP B 9 -32.39 -17.49 8.30
C ASP B 9 -32.84 -16.26 7.51
N VAL B 10 -32.38 -15.08 7.91
CA VAL B 10 -32.81 -13.84 7.28
C VAL B 10 -32.02 -13.50 6.01
N LEU B 11 -31.00 -14.27 5.69
CA LEU B 11 -30.22 -13.98 4.50
C LEU B 11 -30.86 -14.56 3.24
N GLU B 12 -31.17 -13.70 2.28
CA GLU B 12 -31.52 -14.16 0.93
C GLU B 12 -30.29 -14.21 0.04
N SER B 13 -30.44 -14.87 -1.08
CA SER B 13 -29.49 -14.77 -2.17
C SER B 13 -30.30 -14.58 -3.44
N PHE B 14 -29.61 -14.24 -4.51
CA PHE B 14 -30.24 -14.10 -5.81
C PHE B 14 -29.18 -14.49 -6.86
N PRO B 15 -29.61 -14.78 -8.12
CA PRO B 15 -28.74 -15.32 -9.16
C PRO B 15 -27.59 -14.41 -9.57
N ASN B 16 -26.40 -14.97 -9.72
CA ASN B 16 -25.26 -14.22 -10.21
C ASN B 16 -25.33 -14.13 -11.72
N LYS B 17 -25.56 -12.91 -12.23
CA LYS B 17 -25.68 -12.64 -13.67
C LYS B 17 -24.37 -12.86 -14.44
N HIS B 18 -23.27 -13.06 -13.73
CA HIS B 18 -21.95 -13.10 -14.35
C HIS B 18 -21.12 -14.26 -13.91
N VAL B 19 -21.58 -15.49 -14.13
CA VAL B 19 -20.82 -16.67 -13.66
C VAL B 19 -19.52 -16.86 -14.43
N ASN B 20 -19.49 -16.39 -15.68
CA ASN B 20 -18.30 -16.58 -16.53
C ASN B 20 -17.12 -15.68 -16.20
N ARG B 21 -17.26 -14.79 -15.22
CA ARG B 21 -16.08 -14.11 -14.74
C ARG B 21 -16.02 -13.97 -13.24
N ASP B 22 -14.95 -13.32 -12.78
CA ASP B 22 -14.77 -13.18 -11.35
C ASP B 22 -15.24 -11.82 -11.00
N TYR B 23 -16.38 -11.79 -10.34
CA TYR B 23 -16.96 -10.53 -9.93
C TYR B 23 -16.74 -10.29 -8.44
N PHE B 24 -15.88 -9.34 -8.10
CA PHE B 24 -15.52 -9.04 -6.68
C PHE B 24 -16.41 -8.03 -5.91
N VAL B 25 -17.16 -8.49 -4.92
CA VAL B 25 -18.04 -7.60 -4.17
C VAL B 25 -17.57 -7.36 -2.75
N LYS B 26 -17.20 -6.12 -2.46
CA LYS B 26 -16.87 -5.70 -1.10
C LYS B 26 -18.00 -4.93 -0.42
N PHE B 27 -18.35 -5.34 0.81
CA PHE B 27 -19.24 -4.59 1.68
C PHE B 27 -18.49 -3.90 2.80
N ASN B 28 -18.67 -2.57 2.94
CA ASN B 28 -18.06 -1.83 4.07
C ASN B 28 -19.14 -1.63 5.11
N CYS B 29 -18.89 -2.13 6.33
CA CYS B 29 -19.92 -2.24 7.37
C CYS B 29 -19.49 -1.64 8.69
N PRO B 30 -19.62 -0.31 8.81
CA PRO B 30 -19.12 0.44 9.98
C PRO B 30 -20.08 0.46 11.15
N GLU B 31 -21.29 -0.07 11.00
CA GLU B 31 -22.27 0.03 12.08
C GLU B 31 -22.49 -1.31 12.76
N PHE B 32 -21.40 -2.03 13.03
CA PHE B 32 -21.55 -3.33 13.63
C PHE B 32 -21.24 -3.29 15.13
N THR B 33 -22.15 -3.89 15.89
CA THR B 33 -21.95 -4.05 17.31
C THR B 33 -22.57 -5.39 17.77
N SER B 34 -22.11 -5.91 18.88
CA SER B 34 -22.68 -7.16 19.39
C SER B 34 -22.30 -7.34 20.83
N LEU B 35 -22.75 -8.45 21.42
CA LEU B 35 -22.36 -8.85 22.77
C LEU B 35 -21.41 -10.07 22.77
N CYS B 36 -20.73 -10.29 21.65
CA CYS B 36 -19.83 -11.43 21.47
C CYS B 36 -18.70 -11.52 22.54
N PRO B 37 -18.22 -10.37 23.07
CA PRO B 37 -17.25 -10.51 24.17
C PRO B 37 -17.77 -11.36 25.30
N LYS B 38 -16.84 -12.11 25.89
CA LYS B 38 -17.10 -13.09 26.95
C LYS B 38 -17.85 -12.39 28.06
N THR B 39 -17.26 -11.27 28.51
CA THR B 39 -17.79 -10.34 29.52
C THR B 39 -19.32 -10.16 29.57
N GLY B 40 -19.91 -9.83 28.42
CA GLY B 40 -21.34 -9.48 28.36
C GLY B 40 -21.47 -8.06 27.82
N GLN B 41 -20.41 -7.27 27.97
CA GLN B 41 -20.27 -5.92 27.44
C GLN B 41 -20.19 -5.94 25.91
N PRO B 42 -20.72 -4.89 25.23
CA PRO B 42 -20.76 -4.88 23.79
C PRO B 42 -19.46 -4.47 23.16
N ASP B 43 -19.38 -4.70 21.85
CA ASP B 43 -18.25 -4.30 21.02
C ASP B 43 -18.71 -3.64 19.72
N PHE B 44 -17.76 -3.06 19.02
CA PHE B 44 -18.08 -2.16 17.93
C PHE B 44 -16.99 -2.26 16.91
N ALA B 45 -17.37 -2.50 15.67
CA ALA B 45 -16.35 -2.67 14.67
C ALA B 45 -16.81 -2.15 13.36
N THR B 46 -15.84 -1.92 12.49
CA THR B 46 -16.11 -2.00 11.08
C THR B 46 -15.69 -3.39 10.61
N ILE B 47 -16.68 -4.10 10.07
CA ILE B 47 -16.46 -5.36 9.41
C ILE B 47 -16.40 -5.15 7.91
N TYR B 48 -15.42 -5.74 7.24
CA TYR B 48 -15.33 -5.63 5.80
C TYR B 48 -15.53 -7.01 5.23
N ILE B 49 -16.58 -7.17 4.42
CA ILE B 49 -16.88 -8.45 3.85
C ILE B 49 -16.63 -8.40 2.36
N SER B 50 -15.77 -9.29 1.86
CA SER B 50 -15.53 -9.39 0.41
C SER B 50 -15.69 -10.82 -0.11
N TYR B 51 -16.24 -10.95 -1.31
CA TYR B 51 -16.36 -12.25 -1.85
C TYR B 51 -16.46 -12.26 -3.38
N ILE B 52 -16.03 -13.38 -3.97
CA ILE B 52 -16.32 -13.60 -5.37
C ILE B 52 -17.43 -14.63 -5.43
N PRO B 53 -18.48 -14.31 -6.19
CA PRO B 53 -19.62 -15.21 -6.27
C PRO B 53 -19.41 -16.32 -7.29
N ASP B 54 -19.92 -17.50 -7.00
CA ASP B 54 -20.09 -18.54 -8.03
C ASP B 54 -21.46 -18.31 -8.69
N GLU B 55 -22.52 -18.95 -8.17
CA GLU B 55 -23.85 -18.88 -8.82
C GLU B 55 -24.88 -18.04 -8.08
N LYS B 56 -24.61 -17.79 -6.80
CA LYS B 56 -25.48 -17.00 -5.91
C LYS B 56 -24.77 -15.74 -5.40
N MET B 57 -25.49 -14.64 -5.36
CA MET B 57 -25.01 -13.43 -4.72
C MET B 57 -25.88 -13.10 -3.50
N VAL B 58 -25.28 -12.53 -2.46
CA VAL B 58 -26.05 -12.22 -1.23
C VAL B 58 -26.94 -10.98 -1.46
N GLU B 59 -28.14 -11.01 -0.91
CA GLU B 59 -29.04 -9.89 -1.04
C GLU B 59 -28.66 -8.83 -0.01
N SER B 60 -28.46 -7.62 -0.51
CA SER B 60 -27.79 -6.60 0.24
C SER B 60 -28.57 -6.16 1.50
N LYS B 61 -29.90 -6.11 1.39
CA LYS B 61 -30.74 -5.76 2.55
C LYS B 61 -30.68 -6.85 3.62
N SER B 62 -30.71 -8.12 3.21
CA SER B 62 -30.61 -9.24 4.14
C SER B 62 -29.32 -9.19 4.96
N LEU B 63 -28.26 -8.70 4.33
CA LEU B 63 -26.98 -8.64 5.01
C LEU B 63 -27.06 -7.60 6.13
N LYS B 64 -27.55 -6.40 5.79
CA LYS B 64 -27.82 -5.38 6.80
C LYS B 64 -28.61 -5.94 7.97
N LEU B 65 -29.72 -6.60 7.68
CA LEU B 65 -30.54 -7.21 8.73
C LEU B 65 -29.83 -8.33 9.49
N TYR B 66 -29.34 -9.31 8.75
CA TYR B 66 -28.51 -10.34 9.35
C TYR B 66 -27.52 -9.69 10.29
N LEU B 67 -26.74 -8.71 9.80
CA LEU B 67 -25.76 -8.06 10.67
C LEU B 67 -26.41 -7.35 11.85
N PHE B 68 -27.59 -6.76 11.65
CA PHE B 68 -28.26 -6.12 12.77
C PHE B 68 -28.55 -7.18 13.83
N SER B 69 -28.88 -8.41 13.41
CA SER B 69 -29.25 -9.50 14.35
C SER B 69 -28.18 -9.91 15.39
N PHE B 70 -26.98 -9.36 15.29
CA PHE B 70 -25.90 -9.71 16.22
C PHE B 70 -25.93 -8.79 17.42
N ARG B 71 -26.81 -7.80 17.36
CA ARG B 71 -26.83 -6.67 18.28
C ARG B 71 -26.88 -7.10 19.74
N ASN B 72 -27.70 -8.10 20.05
CA ASN B 72 -27.76 -8.61 21.43
C ASN B 72 -27.34 -10.06 21.55
N HIS B 73 -26.77 -10.59 20.48
CA HIS B 73 -26.28 -11.95 20.51
C HIS B 73 -24.96 -12.04 21.21
N GLY B 74 -24.89 -12.97 22.17
CA GLY B 74 -23.68 -13.25 22.93
C GLY B 74 -22.82 -14.29 22.24
N ASP B 75 -22.59 -15.41 22.91
CA ASP B 75 -21.60 -16.39 22.46
C ASP B 75 -22.15 -17.75 22.06
N PHE B 76 -21.66 -18.26 20.93
CA PHE B 76 -21.67 -19.68 20.65
C PHE B 76 -20.29 -20.17 21.14
N HIS B 77 -19.79 -21.26 20.58
CA HIS B 77 -18.43 -21.70 20.89
C HIS B 77 -17.49 -21.28 19.79
N GLN B 78 -17.98 -20.38 18.94
CA GLN B 78 -17.22 -19.83 17.82
C GLN B 78 -16.98 -18.33 17.99
N ASP B 79 -15.89 -17.84 17.40
CA ASP B 79 -15.68 -16.41 17.22
C ASP B 79 -16.72 -15.86 16.23
N CYS B 80 -17.12 -14.60 16.42
CA CYS B 80 -18.21 -14.00 15.62
C CYS B 80 -17.92 -13.86 14.10
N MET B 81 -16.64 -13.62 13.77
CA MET B 81 -16.23 -13.43 12.36
C MET B 81 -16.40 -14.71 11.55
N ASN B 82 -16.09 -15.83 12.17
CA ASN B 82 -16.24 -17.12 11.54
C ASN B 82 -17.68 -17.53 11.36
N ILE B 83 -18.48 -17.26 12.39
CA ILE B 83 -19.91 -17.40 12.27
C ILE B 83 -20.39 -16.65 11.04
N ILE B 84 -19.89 -15.43 10.85
CA ILE B 84 -20.31 -14.68 9.67
C ILE B 84 -19.86 -15.33 8.35
N MET B 85 -18.61 -15.75 8.30
CA MET B 85 -18.09 -16.37 7.10
C MET B 85 -18.79 -17.67 6.83
N ASN B 86 -19.06 -18.46 7.87
CA ASN B 86 -19.72 -19.75 7.67
C ASN B 86 -21.11 -19.55 7.10
N ASP B 87 -21.82 -18.60 7.68
CA ASP B 87 -23.19 -18.37 7.27
C ASP B 87 -23.18 -17.93 5.84
N LEU B 88 -22.26 -17.04 5.51
CA LEU B 88 -22.21 -16.61 4.13
C LEU B 88 -21.73 -17.71 3.18
N ILE B 89 -20.87 -18.61 3.66
CA ILE B 89 -20.45 -19.77 2.85
C ILE B 89 -21.62 -20.72 2.45
N GLU B 90 -22.39 -21.14 3.46
CA GLU B 90 -23.65 -21.91 3.30
C GLU B 90 -24.59 -21.25 2.34
N LEU B 91 -24.89 -19.98 2.58
CA LEU B 91 -25.84 -19.24 1.73
C LEU B 91 -25.48 -19.30 0.23
N MET B 92 -24.24 -18.96 -0.13
CA MET B 92 -23.92 -18.72 -1.54
C MET B 92 -23.00 -19.72 -2.23
N ASP B 93 -22.37 -20.61 -1.46
CA ASP B 93 -21.31 -21.43 -2.01
C ASP B 93 -20.38 -20.53 -2.88
N PRO B 94 -19.63 -19.62 -2.23
CA PRO B 94 -18.86 -18.61 -2.98
C PRO B 94 -17.51 -19.13 -3.46
N ARG B 95 -16.94 -18.54 -4.50
CA ARG B 95 -15.60 -18.92 -4.94
C ARG B 95 -14.55 -18.49 -3.94
N TYR B 96 -14.65 -17.23 -3.48
CA TYR B 96 -13.79 -16.67 -2.45
C TYR B 96 -14.62 -15.80 -1.51
N ILE B 97 -14.24 -15.78 -0.23
CA ILE B 97 -14.83 -14.88 0.74
C ILE B 97 -13.79 -14.55 1.80
N GLU B 98 -13.99 -13.44 2.52
CA GLU B 98 -13.13 -13.02 3.66
C GLU B 98 -13.88 -12.05 4.55
N VAL B 99 -13.67 -12.18 5.84
CA VAL B 99 -14.25 -11.29 6.81
C VAL B 99 -13.11 -10.63 7.58
N TRP B 100 -13.08 -9.29 7.53
CA TRP B 100 -12.08 -8.50 8.22
C TRP B 100 -12.73 -7.57 9.23
N GLY B 101 -12.51 -7.83 10.52
CA GLY B 101 -13.01 -6.96 11.59
C GLY B 101 -11.95 -6.01 12.11
N LYS B 102 -12.37 -4.76 12.40
CA LYS B 102 -11.54 -3.78 13.12
C LYS B 102 -12.39 -3.24 14.24
N PHE B 103 -11.97 -3.54 15.46
CA PHE B 103 -12.77 -3.22 16.62
C PHE B 103 -12.19 -2.05 17.37
N THR B 104 -12.92 -1.58 18.37
CA THR B 104 -12.54 -0.41 19.10
C THR B 104 -11.78 -0.86 20.31
N PRO B 105 -10.93 0.00 20.88
CA PRO B 105 -10.09 -0.44 21.99
C PRO B 105 -10.89 -0.87 23.20
N ARG B 106 -10.33 -1.85 23.89
CA ARG B 106 -10.68 -2.21 25.26
C ARG B 106 -9.32 -2.41 25.93
N GLY B 107 -9.14 -1.87 27.13
CA GLY B 107 -7.88 -2.00 27.83
C GLY B 107 -6.63 -1.53 27.11
N GLY B 108 -6.76 -0.48 26.31
CA GLY B 108 -5.63 0.09 25.58
C GLY B 108 -5.32 -0.66 24.29
N ILE B 109 -6.17 -1.61 23.89
CA ILE B 109 -5.81 -2.49 22.77
C ILE B 109 -7.00 -2.75 21.88
N SER B 110 -6.83 -2.56 20.58
CA SER B 110 -7.90 -2.94 19.64
C SER B 110 -7.52 -4.21 18.84
N ILE B 111 -8.52 -5.06 18.67
CA ILE B 111 -8.35 -6.39 18.04
C ILE B 111 -8.88 -6.38 16.59
N ASP B 112 -8.06 -6.87 15.66
CA ASP B 112 -8.42 -6.90 14.23
C ASP B 112 -8.38 -8.33 13.69
N PRO B 113 -9.48 -9.08 13.83
CA PRO B 113 -9.42 -10.47 13.34
C PRO B 113 -9.63 -10.58 11.82
N TYR B 114 -9.16 -11.66 11.21
CA TYR B 114 -9.36 -11.82 9.77
C TYR B 114 -9.41 -13.31 9.38
N THR B 115 -10.45 -13.72 8.67
CA THR B 115 -10.52 -15.05 8.05
C THR B 115 -10.88 -14.96 6.60
N ASN B 116 -10.65 -16.05 5.86
CA ASN B 116 -11.05 -16.16 4.45
C ASN B 116 -11.11 -17.63 4.03
N TYR B 117 -11.36 -17.86 2.75
CA TYR B 117 -11.75 -19.15 2.26
C TYR B 117 -11.80 -19.00 0.77
N GLY B 118 -11.15 -19.94 0.07
CA GLY B 118 -11.35 -20.18 -1.36
C GLY B 118 -11.88 -21.61 -1.55
N LYS B 119 -12.71 -21.85 -2.56
CA LYS B 119 -13.16 -23.22 -2.91
C LYS B 119 -11.94 -24.16 -2.96
N PRO B 120 -11.96 -25.24 -2.15
CA PRO B 120 -10.84 -26.18 -2.01
C PRO B 120 -10.48 -26.79 -3.36
N GLY B 121 -9.19 -26.75 -3.69
CA GLY B 121 -8.72 -27.30 -4.94
C GLY B 121 -8.70 -26.33 -6.11
N THR B 122 -9.30 -25.15 -5.94
CA THR B 122 -9.30 -24.13 -7.01
C THR B 122 -8.19 -23.06 -6.90
N LYS B 123 -8.11 -22.21 -7.90
CA LYS B 123 -7.25 -21.03 -7.81
C LYS B 123 -7.70 -20.09 -6.67
N TYR B 124 -8.97 -20.19 -6.27
CA TYR B 124 -9.48 -19.36 -5.19
C TYR B 124 -8.82 -19.68 -3.86
N GLU B 125 -8.59 -20.96 -3.61
CA GLU B 125 -7.81 -21.39 -2.43
C GLU B 125 -6.38 -20.84 -2.48
N LYS B 126 -5.80 -20.75 -3.68
CA LYS B 126 -4.48 -20.13 -3.87
C LYS B 126 -4.54 -18.63 -3.55
N MET B 127 -5.64 -18.00 -3.95
CA MET B 127 -5.86 -16.58 -3.68
C MET B 127 -5.96 -16.31 -2.17
N ALA B 128 -6.75 -17.12 -1.47
CA ALA B 128 -6.93 -17.03 -0.01
C ALA B 128 -5.62 -17.21 0.76
N GLU B 129 -4.88 -18.26 0.43
CA GLU B 129 -3.52 -18.44 0.96
C GLU B 129 -2.67 -17.20 0.67
N TYR B 130 -2.76 -16.71 -0.57
CA TYR B 130 -2.03 -15.53 -0.94
C TYR B 130 -2.44 -14.27 -0.11
N ARG B 131 -3.74 -14.07 0.07
CA ARG B 131 -4.24 -12.89 0.74
C ARG B 131 -4.00 -12.95 2.24
N MET B 132 -3.92 -14.15 2.80
CA MET B 132 -3.46 -14.30 4.19
C MET B 132 -1.97 -13.98 4.33
N MET B 133 -1.18 -14.44 3.37
CA MET B 133 0.22 -14.13 3.41
C MET B 133 0.43 -12.61 3.39
N ASN B 134 -0.25 -11.94 2.46
CA ASN B 134 -0.18 -10.47 2.24
C ASN B 134 -1.00 -9.60 3.21
N HIS B 135 -1.65 -10.24 4.18
CA HIS B 135 -2.61 -9.55 5.01
C HIS B 135 -2.04 -8.43 5.84
N ASP B 136 -2.66 -7.25 5.72
CA ASP B 136 -2.41 -6.12 6.60
C ASP B 136 -0.93 -5.81 6.70
N LEU B 137 -0.30 -5.78 5.55
CA LEU B 137 1.13 -5.53 5.46
C LEU B 137 1.42 -4.05 5.68
N TYR B 138 0.46 -3.20 5.32
CA TYR B 138 0.60 -1.76 5.46
C TYR B 138 -0.50 -1.22 6.35
N PRO B 139 -0.32 -1.30 7.69
CA PRO B 139 -1.36 -0.93 8.62
C PRO B 139 -1.47 0.60 8.77
N GLU B 140 -2.67 1.07 9.07
CA GLU B 140 -2.87 2.47 9.41
C GLU B 140 -2.26 2.75 10.81
N THR B 141 -1.77 3.98 11.00
CA THR B 141 -1.30 4.44 12.31
C THR B 141 -2.42 4.48 13.38
N ILE B 142 -2.28 3.64 14.39
CA ILE B 142 -3.25 3.56 15.49
C ILE B 142 -2.77 4.41 16.69
N ASP B 143 -3.65 5.34 17.13
CA ASP B 143 -3.41 6.16 18.34
C ASP B 143 -4.56 6.17 19.38
N ASN B 144 -5.60 5.37 19.10
CA ASN B 144 -6.83 5.24 19.93
C ASN B 144 -7.88 6.37 19.77
N ARG B 145 -7.54 7.41 19.03
CA ARG B 145 -8.43 8.58 18.89
C ARG B 145 -9.03 8.66 17.49
N ASN C 1 -30.33 11.94 -26.21
CA ASN C 1 -30.46 10.53 -25.72
C ASN C 1 -29.73 10.35 -24.38
N TYR C 2 -28.38 10.44 -24.40
CA TYR C 2 -27.59 10.46 -23.17
C TYR C 2 -28.15 11.49 -22.20
N LEU C 3 -28.88 12.45 -22.77
CA LEU C 3 -29.55 13.49 -22.03
C LEU C 3 -30.49 12.89 -20.97
N PHE C 4 -31.27 11.88 -21.36
CA PHE C 4 -32.22 11.25 -20.43
C PHE C 4 -32.25 9.70 -20.45
N GLU C 5 -31.33 9.05 -21.17
CA GLU C 5 -31.26 7.55 -21.16
C GLU C 5 -29.87 6.92 -21.49
N TYR C 6 -29.73 5.62 -21.16
CA TYR C 6 -28.52 4.83 -21.46
C TYR C 6 -28.09 4.93 -22.95
N ALA C 7 -26.84 5.35 -23.19
CA ALA C 7 -26.37 5.75 -24.52
C ALA C 7 -24.97 5.22 -24.95
N PRO C 8 -24.84 3.90 -25.19
CA PRO C 8 -23.58 3.33 -25.69
C PRO C 8 -23.09 4.02 -26.95
N ASP C 9 -24.04 4.34 -27.82
CA ASP C 9 -23.81 5.04 -29.08
C ASP C 9 -22.94 6.31 -29.01
N VAL C 10 -22.82 6.90 -27.82
CA VAL C 10 -22.09 8.15 -27.71
C VAL C 10 -20.58 7.92 -27.53
N LEU C 11 -20.24 6.73 -27.02
CA LEU C 11 -18.83 6.32 -26.92
C LEU C 11 -18.12 6.38 -28.26
N GLU C 12 -16.90 6.93 -28.23
CA GLU C 12 -16.12 7.22 -29.41
C GLU C 12 -14.68 6.85 -29.19
N SER C 13 -14.02 6.35 -30.23
CA SER C 13 -12.61 5.96 -30.10
C SER C 13 -11.73 6.67 -31.10
N PHE C 14 -10.44 6.63 -30.84
CA PHE C 14 -9.45 7.15 -31.77
C PHE C 14 -8.20 6.27 -31.73
N PRO C 15 -7.42 6.27 -32.83
CA PRO C 15 -6.18 5.50 -32.91
C PRO C 15 -5.17 5.89 -31.84
N ASN C 16 -4.67 4.85 -31.16
CA ASN C 16 -3.62 4.96 -30.16
C ASN C 16 -2.28 5.00 -30.88
N LYS C 17 -1.62 6.16 -30.85
CA LYS C 17 -0.35 6.34 -31.57
C LYS C 17 0.90 6.07 -30.73
N HIS C 18 0.74 5.26 -29.69
CA HIS C 18 1.83 4.79 -28.85
C HIS C 18 1.53 3.36 -28.61
N VAL C 19 1.40 2.65 -29.72
CA VAL C 19 0.86 1.31 -29.74
C VAL C 19 1.95 0.26 -29.50
N ASN C 20 3.20 0.54 -29.88
CA ASN C 20 4.25 -0.45 -29.59
C ASN C 20 4.84 -0.25 -28.21
N ARG C 21 3.93 -0.16 -27.22
CA ARG C 21 4.26 -0.27 -25.80
C ARG C 21 3.00 -0.21 -24.92
N ASP C 22 3.16 -0.42 -23.61
CA ASP C 22 2.01 -0.44 -22.70
C ASP C 22 1.73 0.89 -21.96
N TYR C 23 0.69 1.57 -22.42
CA TYR C 23 0.32 2.86 -21.91
C TYR C 23 -0.87 2.68 -20.99
N PHE C 24 -0.69 2.95 -19.69
CA PHE C 24 -1.77 2.77 -18.68
C PHE C 24 -2.57 4.07 -18.44
N VAL C 25 -3.89 4.01 -18.69
CA VAL C 25 -4.81 5.15 -18.47
C VAL C 25 -5.87 4.85 -17.38
N LYS C 26 -5.81 5.63 -16.30
CA LYS C 26 -6.86 5.69 -15.31
C LYS C 26 -7.74 6.95 -15.46
N PHE C 27 -9.05 6.74 -15.55
CA PHE C 27 -10.10 7.74 -15.32
C PHE C 27 -10.71 7.68 -13.92
N ASN C 28 -10.51 8.73 -13.13
CA ASN C 28 -11.24 8.91 -11.87
C ASN C 28 -12.57 9.62 -12.11
N CYS C 29 -13.69 8.98 -11.82
CA CYS C 29 -14.98 9.59 -12.10
C CYS C 29 -15.77 9.73 -10.84
N PRO C 30 -15.59 10.84 -10.13
CA PRO C 30 -16.23 10.86 -8.81
C PRO C 30 -17.65 11.42 -8.86
N GLU C 31 -18.11 11.74 -10.06
CA GLU C 31 -19.45 12.29 -10.27
C GLU C 31 -20.38 11.26 -10.93
N PHE C 32 -20.44 10.06 -10.37
CA PHE C 32 -21.27 9.04 -10.99
C PHE C 32 -22.57 8.83 -10.24
N THR C 33 -23.65 8.68 -11.01
CA THR C 33 -24.98 8.56 -10.41
C THR C 33 -25.94 7.89 -11.38
N SER C 34 -26.82 7.05 -10.86
CA SER C 34 -27.71 6.29 -11.73
C SER C 34 -28.87 5.81 -10.92
N LEU C 35 -29.85 5.21 -11.60
CA LEU C 35 -30.93 4.52 -10.92
C LEU C 35 -30.75 3.02 -11.03
N CYS C 36 -29.50 2.56 -10.96
CA CYS C 36 -29.18 1.12 -11.04
C CYS C 36 -29.81 0.29 -9.90
N PRO C 37 -29.84 0.82 -8.66
CA PRO C 37 -30.59 0.02 -7.67
C PRO C 37 -32.02 -0.30 -8.12
N LYS C 38 -32.46 -1.51 -7.80
CA LYS C 38 -33.82 -1.98 -8.11
C LYS C 38 -34.87 -1.18 -7.32
N THR C 39 -34.43 -0.54 -6.24
CA THR C 39 -35.26 0.31 -5.37
C THR C 39 -35.79 1.59 -6.05
N GLY C 40 -35.28 1.91 -7.24
CA GLY C 40 -35.80 3.06 -7.98
C GLY C 40 -35.20 4.39 -7.53
N GLN C 41 -34.52 4.40 -6.38
CA GLN C 41 -33.80 5.60 -5.92
C GLN C 41 -32.35 5.67 -6.48
N PRO C 42 -31.79 6.87 -6.66
CA PRO C 42 -30.46 6.90 -7.29
C PRO C 42 -29.41 6.28 -6.39
N ASP C 43 -28.21 6.09 -6.95
CA ASP C 43 -27.03 5.76 -6.16
C ASP C 43 -25.92 6.69 -6.57
N PHE C 44 -24.84 6.70 -5.76
CA PHE C 44 -23.70 7.59 -5.98
C PHE C 44 -22.39 6.90 -5.66
N ALA C 45 -21.41 7.04 -6.57
CA ALA C 45 -20.10 6.43 -6.45
C ALA C 45 -19.09 7.29 -7.14
N THR C 46 -17.84 7.11 -6.71
CA THR C 46 -16.71 7.35 -7.57
C THR C 46 -16.46 6.03 -8.30
N ILE C 47 -16.17 6.18 -9.57
CA ILE C 47 -15.84 5.10 -10.43
C ILE C 47 -14.46 5.34 -10.99
N TYR C 48 -13.62 4.32 -10.80
CA TYR C 48 -12.27 4.25 -11.32
C TYR C 48 -12.22 3.28 -12.47
N ILE C 49 -11.97 3.79 -13.67
CA ILE C 49 -11.80 2.96 -14.84
C ILE C 49 -10.33 3.01 -15.28
N SER C 50 -9.66 1.86 -15.20
CA SER C 50 -8.28 1.74 -15.66
C SER C 50 -8.15 0.79 -16.85
N TYR C 51 -7.45 1.21 -17.88
CA TYR C 51 -7.27 0.33 -19.06
C TYR C 51 -5.92 0.52 -19.72
N ILE C 52 -5.56 -0.41 -20.60
CA ILE C 52 -4.29 -0.41 -21.34
C ILE C 52 -4.77 -0.65 -22.76
N PRO C 53 -4.74 0.37 -23.61
CA PRO C 53 -5.28 0.24 -24.94
C PRO C 53 -4.46 -0.71 -25.80
N ASP C 54 -5.13 -1.35 -26.73
CA ASP C 54 -4.44 -2.04 -27.78
C ASP C 54 -4.21 -1.00 -28.85
N GLU C 55 -5.18 -0.86 -29.74
CA GLU C 55 -5.06 -0.04 -30.93
C GLU C 55 -5.89 1.25 -30.84
N LYS C 56 -6.81 1.28 -29.88
CA LYS C 56 -7.77 2.37 -29.81
C LYS C 56 -7.92 2.93 -28.40
N MET C 57 -8.03 4.26 -28.28
CA MET C 57 -8.25 4.92 -26.98
C MET C 57 -9.71 5.35 -26.86
N VAL C 58 -10.23 5.44 -25.65
CA VAL C 58 -11.58 5.99 -25.51
C VAL C 58 -11.46 7.50 -25.54
N GLU C 59 -12.25 8.17 -26.37
CA GLU C 59 -12.29 9.64 -26.40
C GLU C 59 -13.05 10.16 -25.17
N SER C 60 -12.38 10.95 -24.33
CA SER C 60 -12.86 11.14 -22.94
C SER C 60 -14.07 12.04 -22.70
N LYS C 61 -14.33 12.94 -23.63
CA LYS C 61 -15.59 13.67 -23.65
C LYS C 61 -16.73 12.68 -23.82
N SER C 62 -16.53 11.71 -24.72
CA SER C 62 -17.56 10.73 -25.01
C SER C 62 -17.80 9.82 -23.80
N LEU C 63 -16.78 9.69 -22.97
CA LEU C 63 -16.90 8.89 -21.79
C LEU C 63 -17.56 9.74 -20.70
N LYS C 64 -17.37 11.06 -20.75
CA LYS C 64 -18.10 11.92 -19.81
C LYS C 64 -19.60 11.76 -20.04
N LEU C 65 -19.99 11.77 -21.32
CA LEU C 65 -21.38 11.68 -21.74
C LEU C 65 -21.95 10.33 -21.50
N TYR C 66 -21.16 9.30 -21.80
CA TYR C 66 -21.67 7.95 -21.65
C TYR C 66 -22.03 7.75 -20.19
N LEU C 67 -21.09 8.13 -19.30
CA LEU C 67 -21.35 8.01 -17.87
C LEU C 67 -22.55 8.87 -17.48
N PHE C 68 -22.60 10.10 -17.98
CA PHE C 68 -23.74 10.95 -17.74
C PHE C 68 -25.04 10.22 -18.12
N SER C 69 -25.01 9.48 -19.24
CA SER C 69 -26.17 8.81 -19.74
C SER C 69 -26.86 7.91 -18.74
N PHE C 70 -26.20 7.61 -17.62
CA PHE C 70 -26.66 6.59 -16.66
C PHE C 70 -27.51 7.22 -15.61
N ARG C 71 -27.51 8.55 -15.60
CA ARG C 71 -28.20 9.41 -14.64
C ARG C 71 -29.69 9.04 -14.43
N ASN C 72 -30.42 8.81 -15.51
CA ASN C 72 -31.83 8.47 -15.37
C ASN C 72 -32.10 7.13 -16.04
N HIS C 73 -31.40 6.10 -15.59
CA HIS C 73 -31.49 4.76 -16.20
C HIS C 73 -31.70 3.74 -15.11
N GLY C 74 -32.94 3.23 -15.07
CA GLY C 74 -33.36 2.19 -14.12
C GLY C 74 -32.80 0.84 -14.56
N ASP C 75 -32.13 0.18 -13.61
CA ASP C 75 -31.24 -0.98 -13.86
C ASP C 75 -31.55 -1.86 -15.07
N PHE C 76 -30.53 -2.04 -15.92
CA PHE C 76 -30.54 -3.10 -16.94
C PHE C 76 -30.66 -4.43 -16.17
N HIS C 77 -30.97 -5.53 -16.87
CA HIS C 77 -31.05 -6.83 -16.19
C HIS C 77 -29.69 -7.18 -15.64
N GLN C 78 -28.65 -6.76 -16.36
CA GLN C 78 -27.26 -6.84 -15.91
C GLN C 78 -26.92 -5.87 -14.74
N ASP C 79 -25.68 -5.93 -14.27
CA ASP C 79 -25.14 -5.02 -13.28
C ASP C 79 -24.29 -3.93 -13.96
N CYS C 80 -24.30 -2.71 -13.40
CA CYS C 80 -23.82 -1.51 -14.11
C CYS C 80 -22.29 -1.40 -14.26
N MET C 81 -21.54 -1.86 -13.27
CA MET C 81 -20.11 -2.00 -13.46
C MET C 81 -19.76 -2.85 -14.71
N ASN C 82 -20.35 -4.05 -14.83
CA ASN C 82 -20.07 -4.93 -15.97
C ASN C 82 -20.53 -4.37 -17.33
N ILE C 83 -21.66 -3.67 -17.39
CA ILE C 83 -22.12 -3.06 -18.62
C ILE C 83 -21.19 -1.95 -19.04
N ILE C 84 -20.62 -1.29 -18.02
CA ILE C 84 -19.68 -0.25 -18.33
C ILE C 84 -18.45 -0.91 -18.97
N MET C 85 -17.94 -1.96 -18.32
CA MET C 85 -16.83 -2.76 -18.86
C MET C 85 -17.07 -3.29 -20.28
N ASN C 86 -18.21 -3.95 -20.50
CA ASN C 86 -18.55 -4.55 -21.80
C ASN C 86 -18.49 -3.52 -22.90
N ASP C 87 -19.13 -2.39 -22.64
CA ASP C 87 -19.30 -1.39 -23.68
C ASP C 87 -17.94 -0.84 -24.00
N LEU C 88 -17.09 -0.76 -22.98
CA LEU C 88 -15.78 -0.22 -23.25
C LEU C 88 -14.90 -1.24 -23.98
N ILE C 89 -15.05 -2.51 -23.60
CA ILE C 89 -14.42 -3.62 -24.30
C ILE C 89 -14.86 -3.70 -25.78
N GLU C 90 -16.15 -3.46 -26.04
CA GLU C 90 -16.65 -3.49 -27.42
C GLU C 90 -15.98 -2.36 -28.20
N LEU C 91 -16.02 -1.18 -27.64
CA LEU C 91 -15.58 0.00 -28.35
C LEU C 91 -14.10 -0.10 -28.68
N MET C 92 -13.33 -0.73 -27.82
CA MET C 92 -11.89 -0.53 -27.87
C MET C 92 -11.07 -1.78 -28.17
N ASP C 93 -11.60 -2.95 -27.80
CA ASP C 93 -10.87 -4.19 -27.90
C ASP C 93 -9.51 -3.94 -27.19
N PRO C 94 -9.54 -3.74 -25.86
CA PRO C 94 -8.32 -3.39 -25.10
C PRO C 94 -7.53 -4.60 -24.60
N ARG C 95 -6.27 -4.37 -24.33
CA ARG C 95 -5.44 -5.39 -23.77
C ARG C 95 -5.94 -5.70 -22.38
N TYR C 96 -6.09 -4.66 -21.54
CA TYR C 96 -6.55 -4.80 -20.13
C TYR C 96 -7.55 -3.67 -19.75
N ILE C 97 -8.54 -4.03 -18.96
CA ILE C 97 -9.49 -3.07 -18.46
C ILE C 97 -10.04 -3.48 -17.12
N GLU C 98 -10.24 -2.51 -16.23
CA GLU C 98 -10.97 -2.74 -15.01
C GLU C 98 -11.87 -1.56 -14.74
N VAL C 99 -12.94 -1.86 -14.02
CA VAL C 99 -13.84 -0.86 -13.54
C VAL C 99 -14.08 -1.17 -12.07
N TRP C 100 -13.84 -0.18 -11.22
CA TRP C 100 -13.97 -0.29 -9.78
C TRP C 100 -14.95 0.79 -9.28
N GLY C 101 -16.02 0.40 -8.56
CA GLY C 101 -16.93 1.39 -7.99
C GLY C 101 -16.89 1.50 -6.48
N LYS C 102 -16.80 2.73 -5.94
CA LYS C 102 -17.05 2.98 -4.49
C LYS C 102 -18.38 3.69 -4.27
N PHE C 103 -19.42 2.97 -3.88
CA PHE C 103 -20.72 3.61 -3.65
C PHE C 103 -20.89 4.20 -2.24
N THR C 104 -21.82 5.14 -2.13
CA THR C 104 -22.16 5.72 -0.83
C THR C 104 -23.09 4.80 -0.06
N PRO C 105 -23.13 4.96 1.27
CA PRO C 105 -23.94 4.14 2.19
C PRO C 105 -25.42 4.06 1.85
N ARG C 106 -26.01 2.90 2.13
CA ARG C 106 -27.45 2.67 2.17
C ARG C 106 -27.55 1.57 3.21
N GLY C 107 -28.48 1.68 4.14
CA GLY C 107 -28.55 0.71 5.19
C GLY C 107 -27.33 0.78 6.13
N GLY C 108 -26.48 1.79 5.98
CA GLY C 108 -25.23 1.81 6.72
C GLY C 108 -24.10 1.01 6.03
N ILE C 109 -24.37 0.53 4.81
CA ILE C 109 -23.46 -0.33 4.06
C ILE C 109 -23.11 0.27 2.68
N SER C 110 -21.81 0.47 2.45
CA SER C 110 -21.35 0.84 1.11
C SER C 110 -20.77 -0.34 0.31
N ILE C 111 -21.20 -0.48 -0.94
CA ILE C 111 -20.75 -1.53 -1.83
C ILE C 111 -19.68 -1.12 -2.85
N ASP C 112 -18.55 -1.83 -2.86
CA ASP C 112 -17.50 -1.62 -3.85
C ASP C 112 -17.32 -2.83 -4.75
N PRO C 113 -18.04 -2.87 -5.88
CA PRO C 113 -17.86 -3.94 -6.85
C PRO C 113 -16.62 -3.71 -7.68
N TYR C 114 -15.98 -4.79 -8.15
CA TYR C 114 -14.77 -4.71 -9.02
C TYR C 114 -14.76 -5.88 -10.01
N THR C 115 -14.62 -5.55 -11.30
CA THR C 115 -14.42 -6.50 -12.39
C THR C 115 -13.26 -6.03 -13.25
N ASN C 116 -12.57 -7.00 -13.87
CA ASN C 116 -11.55 -6.68 -14.84
C ASN C 116 -11.56 -7.61 -16.06
N TYR C 117 -10.46 -7.61 -16.81
CA TYR C 117 -10.45 -8.25 -18.07
C TYR C 117 -9.13 -8.06 -18.72
N GLY C 118 -8.49 -9.17 -19.08
CA GLY C 118 -7.30 -9.15 -19.91
C GLY C 118 -7.59 -9.95 -21.15
N LYS C 119 -7.16 -9.45 -22.30
CA LYS C 119 -7.36 -10.17 -23.54
C LYS C 119 -7.05 -11.69 -23.39
N PRO C 120 -7.97 -12.55 -23.84
CA PRO C 120 -7.83 -14.01 -23.60
C PRO C 120 -6.59 -14.60 -24.30
N GLY C 121 -5.88 -15.47 -23.59
CA GLY C 121 -4.57 -15.88 -24.00
C GLY C 121 -3.70 -14.71 -24.40
N THR C 122 -3.38 -13.85 -23.45
CA THR C 122 -2.21 -12.97 -23.54
C THR C 122 -1.71 -12.83 -22.11
N LYS C 123 -0.61 -12.11 -21.93
CA LYS C 123 -0.16 -11.73 -20.58
C LYS C 123 -1.20 -10.90 -19.79
N TYR C 124 -1.99 -10.08 -20.49
CA TYR C 124 -2.99 -9.29 -19.80
C TYR C 124 -4.07 -10.15 -19.17
N GLU C 125 -4.24 -11.37 -19.63
CA GLU C 125 -5.16 -12.27 -18.96
C GLU C 125 -4.55 -12.73 -17.65
N LYS C 126 -3.22 -12.78 -17.62
CA LYS C 126 -2.53 -13.13 -16.39
C LYS C 126 -2.54 -11.93 -15.39
N MET C 127 -2.34 -10.71 -15.93
CA MET C 127 -2.49 -9.50 -15.14
C MET C 127 -3.88 -9.42 -14.48
N ALA C 128 -4.96 -9.63 -15.25
CA ALA C 128 -6.32 -9.60 -14.71
C ALA C 128 -6.47 -10.47 -13.47
N GLU C 129 -6.00 -11.69 -13.62
CA GLU C 129 -5.99 -12.67 -12.58
C GLU C 129 -5.16 -12.17 -11.41
N TYR C 130 -4.06 -11.50 -11.74
CA TYR C 130 -3.19 -11.00 -10.70
C TYR C 130 -3.84 -9.85 -9.91
N ARG C 131 -4.42 -8.89 -10.62
CA ARG C 131 -5.03 -7.71 -10.02
C ARG C 131 -6.29 -8.14 -9.30
N MET C 132 -6.89 -9.24 -9.74
CA MET C 132 -8.03 -9.76 -9.01
C MET C 132 -7.55 -10.28 -7.67
N MET C 133 -6.49 -11.07 -7.70
CA MET C 133 -6.03 -11.75 -6.52
C MET C 133 -5.52 -10.76 -5.47
N ASN C 134 -4.99 -9.64 -5.93
CA ASN C 134 -4.44 -8.59 -5.07
C ASN C 134 -5.39 -7.44 -4.77
N HIS C 135 -6.59 -7.49 -5.32
CA HIS C 135 -7.54 -6.42 -5.17
C HIS C 135 -7.75 -5.99 -3.72
N ASP C 136 -7.58 -4.69 -3.46
CA ASP C 136 -8.05 -4.10 -2.21
C ASP C 136 -7.39 -4.73 -1.00
N LEU C 137 -6.12 -5.01 -1.14
CA LEU C 137 -5.43 -5.61 0.00
C LEU C 137 -5.26 -4.62 1.13
N TYR C 138 -5.23 -3.34 0.79
CA TYR C 138 -5.05 -2.27 1.76
C TYR C 138 -6.17 -1.23 1.64
N PRO C 139 -7.31 -1.53 2.30
CA PRO C 139 -8.59 -0.86 2.13
C PRO C 139 -8.66 0.44 2.92
N GLU C 140 -9.30 1.44 2.33
CA GLU C 140 -9.52 2.71 3.04
C GLU C 140 -10.41 2.52 4.30
N THR C 141 -10.21 3.41 5.28
CA THR C 141 -11.03 3.52 6.52
C THR C 141 -12.43 4.10 6.26
N ILE C 142 -13.45 3.28 6.54
CA ILE C 142 -14.86 3.70 6.42
C ILE C 142 -15.48 4.04 7.80
N ASP C 143 -15.74 5.34 8.02
CA ASP C 143 -16.45 5.84 9.21
C ASP C 143 -17.85 6.34 8.86
N ASN C 144 -18.19 6.26 7.57
CA ASN C 144 -19.47 6.75 7.00
C ASN C 144 -19.61 8.28 7.01
N ARG C 145 -18.47 8.99 7.09
CA ARG C 145 -18.46 10.46 7.29
C ARG C 145 -17.54 11.24 6.34
N ASN D 1 15.05 26.79 -27.25
CA ASN D 1 14.95 27.86 -26.22
C ASN D 1 13.69 27.69 -25.35
N TYR D 2 13.92 27.64 -24.03
CA TYR D 2 12.92 27.21 -23.02
C TYR D 2 11.74 28.14 -22.71
N LEU D 3 11.93 29.42 -23.00
CA LEU D 3 11.01 30.44 -22.50
C LEU D 3 9.60 30.35 -23.15
N PHE D 4 9.54 30.34 -24.48
CA PHE D 4 8.25 30.43 -25.21
C PHE D 4 7.83 29.12 -25.90
N GLU D 5 8.80 28.23 -26.15
CA GLU D 5 8.60 26.99 -26.91
C GLU D 5 9.22 25.77 -26.24
N TYR D 6 8.80 24.59 -26.69
CA TYR D 6 9.31 23.33 -26.18
C TYR D 6 10.81 23.13 -26.48
N ALA D 7 11.60 22.78 -25.46
CA ALA D 7 13.05 22.74 -25.58
C ALA D 7 13.68 21.46 -25.04
N PRO D 8 13.52 20.33 -25.77
CA PRO D 8 14.15 19.06 -25.33
C PRO D 8 15.68 19.22 -25.27
N ASP D 9 16.18 20.20 -26.01
CA ASP D 9 17.60 20.56 -26.12
C ASP D 9 18.16 21.11 -24.83
N VAL D 10 17.28 21.72 -24.04
CA VAL D 10 17.71 22.27 -22.76
C VAL D 10 18.13 21.19 -21.75
N LEU D 11 17.82 19.93 -22.02
CA LEU D 11 18.17 18.89 -21.07
C LEU D 11 19.67 18.65 -21.03
N GLU D 12 20.19 18.47 -19.82
CA GLU D 12 21.60 18.18 -19.63
C GLU D 12 21.80 16.96 -18.74
N SER D 13 22.84 16.20 -19.02
CA SER D 13 23.14 15.04 -18.23
C SER D 13 24.50 15.22 -17.59
N PHE D 14 24.79 14.38 -16.61
CA PHE D 14 26.11 14.27 -16.05
C PHE D 14 26.37 12.77 -15.76
N PRO D 15 27.65 12.37 -15.60
CA PRO D 15 28.00 10.96 -15.35
C PRO D 15 27.42 10.41 -14.05
N ASN D 16 26.83 9.22 -14.12
CA ASN D 16 26.33 8.57 -12.94
C ASN D 16 27.55 8.02 -12.25
N LYS D 17 27.81 8.54 -11.05
CA LYS D 17 29.00 8.16 -10.29
C LYS D 17 28.90 6.78 -9.65
N HIS D 18 27.76 6.12 -9.86
CA HIS D 18 27.43 4.81 -9.27
C HIS D 18 26.86 3.81 -10.27
N VAL D 19 27.48 3.71 -11.47
CA VAL D 19 27.14 2.65 -12.45
C VAL D 19 27.21 1.26 -11.82
N ASN D 20 28.16 1.09 -10.91
CA ASN D 20 28.28 -0.09 -10.08
C ASN D 20 26.95 -0.63 -9.53
N ARG D 21 26.03 0.25 -9.13
CA ARG D 21 24.74 -0.25 -8.58
C ARG D 21 23.47 0.30 -9.19
N ASP D 22 22.33 -0.21 -8.71
CA ASP D 22 21.04 0.33 -9.09
C ASP D 22 20.64 1.52 -8.17
N TYR D 23 20.81 2.74 -8.68
CA TYR D 23 20.43 3.93 -7.93
C TYR D 23 19.10 4.44 -8.47
N PHE D 24 18.08 4.47 -7.61
CA PHE D 24 16.71 4.84 -8.00
C PHE D 24 16.40 6.29 -7.64
N VAL D 25 16.02 7.09 -8.64
CA VAL D 25 15.79 8.52 -8.43
C VAL D 25 14.40 8.92 -8.85
N LYS D 26 13.70 9.63 -7.97
CA LYS D 26 12.34 10.07 -8.34
C LYS D 26 12.16 11.57 -8.21
N PHE D 27 11.48 12.12 -9.20
CA PHE D 27 11.20 13.53 -9.25
C PHE D 27 9.72 13.75 -9.08
N ASN D 28 9.31 14.31 -7.93
CA ASN D 28 7.93 14.81 -7.76
C ASN D 28 7.83 16.17 -8.47
N CYS D 29 6.92 16.30 -9.42
CA CYS D 29 6.81 17.55 -10.20
C CYS D 29 5.38 18.11 -10.24
N PRO D 30 5.03 18.92 -9.22
CA PRO D 30 3.61 19.30 -9.14
C PRO D 30 3.29 20.59 -9.87
N GLU D 31 4.29 21.22 -10.46
CA GLU D 31 4.06 22.50 -11.10
C GLU D 31 4.01 22.32 -12.59
N PHE D 32 3.44 21.19 -13.02
CA PHE D 32 3.33 20.95 -14.44
C PHE D 32 2.02 21.44 -15.01
N THR D 33 2.15 22.13 -16.12
CA THR D 33 0.98 22.53 -16.92
C THR D 33 1.41 22.69 -18.37
N SER D 34 0.47 22.49 -19.28
CA SER D 34 0.79 22.57 -20.72
C SER D 34 -0.43 22.90 -21.60
N LEU D 35 -0.17 23.08 -22.89
CA LEU D 35 -1.28 23.18 -23.83
C LEU D 35 -1.29 21.95 -24.73
N CYS D 36 -1.23 20.77 -24.11
CA CYS D 36 -1.25 19.52 -24.86
C CYS D 36 -2.68 19.16 -25.23
N PRO D 37 -3.67 19.52 -24.38
CA PRO D 37 -5.04 19.13 -24.75
C PRO D 37 -5.46 19.63 -26.14
N LYS D 38 -6.36 18.88 -26.77
CA LYS D 38 -6.83 19.14 -28.12
C LYS D 38 -7.67 20.43 -28.18
N THR D 39 -8.02 20.94 -27.00
CA THR D 39 -9.02 22.00 -26.87
C THR D 39 -8.36 23.36 -26.70
N GLY D 40 -7.06 23.38 -26.45
CA GLY D 40 -6.36 24.62 -26.16
C GLY D 40 -6.49 25.15 -24.74
N GLN D 41 -7.46 24.65 -23.96
CA GLN D 41 -7.54 24.99 -22.52
C GLN D 41 -6.27 24.37 -21.95
N PRO D 42 -5.57 25.08 -21.03
CA PRO D 42 -4.43 24.40 -20.46
C PRO D 42 -4.84 23.17 -19.62
N ASP D 43 -3.87 22.33 -19.28
CA ASP D 43 -4.10 21.21 -18.37
C ASP D 43 -3.11 21.39 -17.23
N PHE D 44 -3.35 20.69 -16.13
CA PHE D 44 -2.49 20.84 -14.94
C PHE D 44 -2.26 19.47 -14.33
N ALA D 45 -1.02 19.20 -13.96
CA ALA D 45 -0.68 17.90 -13.37
C ALA D 45 0.44 17.96 -12.36
N THR D 46 0.42 16.97 -11.48
CA THR D 46 1.60 16.54 -10.77
C THR D 46 2.14 15.35 -11.56
N ILE D 47 3.40 15.49 -11.95
CA ILE D 47 4.08 14.47 -12.69
C ILE D 47 5.18 13.88 -11.85
N TYR D 48 5.14 12.57 -11.68
CA TYR D 48 6.17 11.84 -10.97
C TYR D 48 6.99 11.06 -12.00
N ILE D 49 8.30 11.32 -12.03
CA ILE D 49 9.21 10.70 -12.96
C ILE D 49 10.24 9.93 -12.16
N SER D 50 10.34 8.62 -12.36
CA SER D 50 11.28 7.83 -11.59
C SER D 50 12.19 7.14 -12.57
N TYR D 51 13.46 7.00 -12.20
CA TYR D 51 14.37 6.28 -13.04
C TYR D 51 15.61 5.71 -12.38
N ILE D 52 16.14 4.68 -13.01
CA ILE D 52 17.43 4.11 -12.68
C ILE D 52 18.41 4.43 -13.80
N PRO D 53 19.44 5.25 -13.49
CA PRO D 53 20.45 5.60 -14.50
C PRO D 53 21.34 4.42 -14.87
N ASP D 54 21.94 4.52 -16.06
CA ASP D 54 23.07 3.69 -16.41
C ASP D 54 24.33 4.57 -16.41
N GLU D 55 24.83 4.94 -17.59
CA GLU D 55 25.98 5.85 -17.66
C GLU D 55 25.65 7.24 -17.08
N LYS D 56 24.39 7.65 -17.27
CA LYS D 56 24.02 9.07 -17.16
C LYS D 56 22.88 9.46 -16.19
N MET D 57 23.06 10.60 -15.54
CA MET D 57 22.02 11.17 -14.72
C MET D 57 21.60 12.48 -15.35
N VAL D 58 20.32 12.81 -15.21
CA VAL D 58 19.80 14.11 -15.69
C VAL D 58 19.96 15.21 -14.60
N GLU D 59 20.41 16.38 -15.05
CA GLU D 59 20.54 17.55 -14.16
C GLU D 59 19.14 18.05 -13.83
N SER D 60 18.86 18.22 -12.54
CA SER D 60 17.52 18.64 -12.07
C SER D 60 17.08 20.04 -12.52
N LYS D 61 18.03 20.97 -12.63
CA LYS D 61 17.74 22.30 -13.10
C LYS D 61 17.24 22.24 -14.55
N SER D 62 17.91 21.44 -15.39
CA SER D 62 17.55 21.32 -16.81
C SER D 62 16.19 20.66 -16.97
N LEU D 63 15.90 19.74 -16.07
CA LEU D 63 14.58 19.11 -16.08
C LEU D 63 13.46 20.14 -15.87
N LYS D 64 13.64 20.96 -14.85
CA LYS D 64 12.71 22.00 -14.51
C LYS D 64 12.48 22.89 -15.72
N LEU D 65 13.58 23.37 -16.31
CA LEU D 65 13.47 24.22 -17.51
C LEU D 65 12.72 23.44 -18.62
N TYR D 66 13.18 22.19 -18.86
CA TYR D 66 12.51 21.28 -19.80
C TYR D 66 11.00 21.19 -19.58
N LEU D 67 10.58 20.89 -18.35
CA LEU D 67 9.15 20.86 -18.05
C LEU D 67 8.45 22.22 -18.22
N PHE D 68 9.13 23.31 -17.86
CA PHE D 68 8.54 24.63 -18.11
C PHE D 68 8.27 24.84 -19.58
N SER D 69 9.14 24.30 -20.46
CA SER D 69 9.01 24.51 -21.91
C SER D 69 7.71 24.01 -22.46
N PHE D 70 7.00 23.16 -21.74
CA PHE D 70 5.65 22.69 -22.09
C PHE D 70 4.48 23.67 -21.83
N ARG D 71 4.72 24.62 -20.94
CA ARG D 71 3.78 25.65 -20.51
C ARG D 71 2.92 26.24 -21.61
N ASN D 72 3.56 26.62 -22.71
CA ASN D 72 2.89 27.39 -23.75
C ASN D 72 2.95 26.67 -25.07
N HIS D 73 3.19 25.35 -24.98
CA HIS D 73 3.43 24.51 -26.13
C HIS D 73 2.19 23.77 -26.53
N GLY D 74 1.59 24.28 -27.60
CA GLY D 74 0.42 23.69 -28.24
C GLY D 74 0.74 23.24 -29.65
N ASP D 75 1.83 22.48 -29.79
CA ASP D 75 2.14 21.72 -31.01
C ASP D 75 2.04 20.21 -30.72
N PHE D 76 1.28 19.84 -29.68
CA PHE D 76 1.00 18.44 -29.28
C PHE D 76 0.73 17.52 -30.48
N HIS D 77 1.74 16.76 -30.91
CA HIS D 77 1.53 15.73 -31.94
C HIS D 77 1.33 14.35 -31.35
N GLN D 78 2.37 13.83 -30.70
CA GLN D 78 2.28 12.57 -29.94
C GLN D 78 2.00 12.87 -28.47
N ASP D 79 1.43 11.90 -27.76
CA ASP D 79 0.99 12.07 -26.37
C ASP D 79 2.08 12.61 -25.40
N CYS D 80 1.68 13.46 -24.46
CA CYS D 80 2.64 14.27 -23.72
C CYS D 80 3.55 13.56 -22.71
N MET D 81 3.03 12.60 -21.94
CA MET D 81 3.89 11.79 -21.07
C MET D 81 4.94 11.05 -21.88
N ASN D 82 4.54 10.52 -23.04
CA ASN D 82 5.46 9.83 -23.91
C ASN D 82 6.57 10.70 -24.41
N ILE D 83 6.20 11.89 -24.91
CA ILE D 83 7.21 12.88 -25.29
C ILE D 83 8.18 13.01 -24.13
N ILE D 84 7.66 13.01 -22.90
CA ILE D 84 8.57 13.27 -21.80
C ILE D 84 9.48 12.07 -21.58
N MET D 85 8.91 10.87 -21.61
CA MET D 85 9.73 9.68 -21.47
C MET D 85 10.74 9.52 -22.61
N ASN D 86 10.25 9.65 -23.83
CA ASN D 86 11.17 9.55 -24.94
C ASN D 86 12.35 10.48 -24.80
N ASP D 87 12.10 11.76 -24.51
CA ASP D 87 13.16 12.76 -24.44
C ASP D 87 14.17 12.39 -23.41
N LEU D 88 13.68 11.85 -22.31
CA LEU D 88 14.59 11.51 -21.25
C LEU D 88 15.33 10.21 -21.50
N ILE D 89 14.69 9.26 -22.18
CA ILE D 89 15.43 8.11 -22.72
C ILE D 89 16.55 8.52 -23.71
N GLU D 90 16.23 9.42 -24.65
CA GLU D 90 17.21 9.87 -25.63
C GLU D 90 18.39 10.43 -24.87
N LEU D 91 18.13 11.01 -23.70
CA LEU D 91 19.13 11.81 -23.00
C LEU D 91 20.07 10.93 -22.21
N MET D 92 19.50 10.00 -21.45
CA MET D 92 20.31 9.26 -20.50
C MET D 92 20.58 7.82 -20.89
N ASP D 93 19.77 7.25 -21.78
CA ASP D 93 19.83 5.80 -22.02
C ASP D 93 19.77 5.12 -20.64
N PRO D 94 18.62 5.20 -19.97
CA PRO D 94 18.53 4.71 -18.60
C PRO D 94 18.23 3.21 -18.57
N ARG D 95 18.46 2.57 -17.43
CA ARG D 95 18.11 1.19 -17.24
C ARG D 95 16.61 1.01 -17.08
N TYR D 96 15.99 1.93 -16.32
CA TYR D 96 14.53 1.98 -16.06
C TYR D 96 14.01 3.42 -16.05
N ILE D 97 12.77 3.64 -16.48
CA ILE D 97 12.22 4.97 -16.40
C ILE D 97 10.72 4.85 -16.39
N GLU D 98 10.06 5.78 -15.69
CA GLU D 98 8.60 5.91 -15.78
C GLU D 98 8.11 7.30 -15.51
N VAL D 99 7.02 7.59 -16.18
CA VAL D 99 6.39 8.86 -16.05
C VAL D 99 4.96 8.61 -15.66
N TRP D 100 4.61 9.11 -14.46
CA TRP D 100 3.26 9.03 -13.92
C TRP D 100 2.73 10.42 -13.74
N GLY D 101 1.54 10.68 -14.28
CA GLY D 101 0.93 12.00 -14.23
C GLY D 101 -0.48 11.98 -13.62
N LYS D 102 -0.73 12.85 -12.65
CA LYS D 102 -2.08 12.96 -12.06
C LYS D 102 -2.65 14.34 -12.39
N PHE D 103 -3.72 14.34 -13.18
CA PHE D 103 -4.28 15.54 -13.74
C PHE D 103 -5.46 16.13 -12.96
N THR D 104 -5.56 17.45 -13.04
CA THR D 104 -6.75 18.09 -12.51
C THR D 104 -7.97 17.72 -13.36
N PRO D 105 -9.16 17.71 -12.76
CA PRO D 105 -10.27 17.19 -13.59
C PRO D 105 -10.72 18.19 -14.63
N ARG D 106 -11.31 17.65 -15.70
CA ARG D 106 -11.96 18.42 -16.75
C ARG D 106 -13.18 17.63 -17.11
N GLY D 107 -14.36 18.21 -17.00
CA GLY D 107 -15.61 17.46 -17.22
C GLY D 107 -15.95 16.49 -16.09
N GLY D 108 -15.44 16.73 -14.88
CA GLY D 108 -15.79 15.86 -13.76
C GLY D 108 -14.95 14.59 -13.63
N ILE D 109 -13.82 14.53 -14.32
CA ILE D 109 -13.10 13.29 -14.51
C ILE D 109 -11.65 13.66 -14.60
N SER D 110 -10.80 13.03 -13.81
CA SER D 110 -9.39 13.29 -13.99
C SER D 110 -8.66 12.07 -14.52
N ILE D 111 -7.74 12.35 -15.45
CA ILE D 111 -6.96 11.34 -16.16
C ILE D 111 -5.59 11.19 -15.52
N ASP D 112 -5.27 9.94 -15.15
CA ASP D 112 -3.91 9.60 -14.67
C ASP D 112 -3.16 8.63 -15.61
N PRO D 113 -2.47 9.16 -16.63
CA PRO D 113 -1.72 8.30 -17.54
C PRO D 113 -0.43 7.78 -16.92
N TYR D 114 0.08 6.66 -17.44
CA TYR D 114 1.31 6.02 -16.96
C TYR D 114 2.03 5.16 -18.01
N THR D 115 3.32 5.46 -18.23
CA THR D 115 4.21 4.65 -19.03
C THR D 115 5.51 4.40 -18.33
N ASN D 116 6.11 3.27 -18.65
CA ASN D 116 7.45 2.94 -18.16
C ASN D 116 8.21 2.15 -19.24
N TYR D 117 9.44 1.79 -18.91
CA TYR D 117 10.38 1.22 -19.82
C TYR D 117 11.56 0.69 -19.03
N GLY D 118 12.05 -0.47 -19.44
CA GLY D 118 13.34 -1.01 -18.98
C GLY D 118 14.07 -1.56 -20.19
N LYS D 119 15.40 -1.46 -20.16
CA LYS D 119 16.27 -2.01 -21.20
C LYS D 119 15.81 -3.40 -21.63
N PRO D 120 15.47 -3.57 -22.92
CA PRO D 120 15.05 -4.80 -23.57
C PRO D 120 15.93 -5.97 -23.22
N GLY D 121 15.37 -7.02 -22.67
CA GLY D 121 16.14 -8.27 -22.49
C GLY D 121 16.83 -8.39 -21.16
N THR D 122 16.59 -7.41 -20.28
CA THR D 122 17.23 -7.38 -18.96
C THR D 122 16.20 -7.50 -17.89
N LYS D 123 16.68 -7.62 -16.68
CA LYS D 123 15.77 -7.62 -15.53
C LYS D 123 14.91 -6.34 -15.48
N TYR D 124 15.43 -5.22 -16.01
CA TYR D 124 14.72 -3.96 -16.06
C TYR D 124 13.45 -4.02 -16.89
N GLU D 125 13.46 -4.85 -17.92
CA GLU D 125 12.23 -5.10 -18.69
C GLU D 125 11.24 -5.88 -17.85
N LYS D 126 11.72 -6.81 -17.04
CA LYS D 126 10.84 -7.55 -16.12
C LYS D 126 10.28 -6.57 -15.05
N MET D 127 11.11 -5.61 -14.65
CA MET D 127 10.73 -4.58 -13.69
C MET D 127 9.58 -3.73 -14.24
N ALA D 128 9.66 -3.36 -15.52
CA ALA D 128 8.64 -2.55 -16.13
C ALA D 128 7.38 -3.33 -16.30
N GLU D 129 7.56 -4.62 -16.57
CA GLU D 129 6.46 -5.54 -16.78
C GLU D 129 5.74 -5.68 -15.45
N TYR D 130 6.51 -5.92 -14.40
CA TYR D 130 6.01 -5.99 -13.04
C TYR D 130 5.35 -4.66 -12.51
N ARG D 131 6.05 -3.53 -12.61
CA ARG D 131 5.46 -2.23 -12.26
C ARG D 131 4.23 -1.81 -13.07
N MET D 132 4.04 -2.40 -14.25
CA MET D 132 2.78 -2.23 -15.02
C MET D 132 1.69 -3.12 -14.45
N MET D 133 2.01 -4.36 -14.23
CA MET D 133 0.99 -5.28 -13.79
C MET D 133 0.43 -4.76 -12.46
N ASN D 134 1.31 -4.17 -11.65
CA ASN D 134 1.02 -3.72 -10.28
C ASN D 134 0.64 -2.27 -10.15
N HIS D 135 0.63 -1.57 -11.27
CA HIS D 135 0.37 -0.16 -11.26
C HIS D 135 -0.88 0.19 -10.51
N ASP D 136 -0.72 1.13 -9.56
CA ASP D 136 -1.83 1.87 -8.99
C ASP D 136 -2.89 0.93 -8.48
N LEU D 137 -2.45 -0.14 -7.84
CA LEU D 137 -3.38 -1.10 -7.29
C LEU D 137 -4.19 -0.50 -6.17
N TYR D 138 -3.56 0.37 -5.40
CA TYR D 138 -4.19 1.01 -4.26
C TYR D 138 -4.30 2.51 -4.49
N PRO D 139 -5.46 2.94 -5.03
CA PRO D 139 -5.67 4.30 -5.47
C PRO D 139 -6.03 5.23 -4.32
N GLU D 140 -5.34 6.37 -4.22
CA GLU D 140 -5.74 7.46 -3.36
C GLU D 140 -7.21 7.82 -3.64
N THR D 141 -7.94 8.24 -2.61
CA THR D 141 -9.35 8.61 -2.76
C THR D 141 -9.51 9.95 -3.50
N ILE D 142 -10.32 9.93 -4.57
CA ILE D 142 -10.62 11.12 -5.37
C ILE D 142 -12.08 11.55 -5.12
N ASP D 143 -12.28 12.79 -4.66
CA ASP D 143 -13.64 13.40 -4.57
C ASP D 143 -13.77 14.75 -5.29
N ASN D 144 -12.76 15.04 -6.12
CA ASN D 144 -12.67 16.27 -6.93
C ASN D 144 -12.32 17.52 -6.11
N ARG D 145 -12.19 17.35 -4.79
CA ARG D 145 -11.87 18.45 -3.87
C ARG D 145 -10.49 18.28 -3.26
N ASN E 1 37.06 19.70 13.93
CA ASN E 1 37.17 18.53 14.86
C ASN E 1 35.90 17.67 14.86
N TYR E 2 34.71 18.31 14.89
CA TYR E 2 33.42 17.56 14.88
C TYR E 2 32.11 18.24 14.30
N LEU E 3 31.47 19.16 15.03
CA LEU E 3 30.10 19.63 14.66
C LEU E 3 29.95 20.33 13.29
N PHE E 4 31.07 20.62 12.64
CA PHE E 4 31.07 21.18 11.28
C PHE E 4 31.41 20.09 10.22
N GLU E 5 32.55 19.44 10.40
CA GLU E 5 33.12 18.45 9.47
C GLU E 5 32.36 17.12 9.34
N TYR E 6 32.29 16.61 8.10
CA TYR E 6 31.84 15.24 7.82
C TYR E 6 32.59 14.22 8.66
N ALA E 7 31.87 13.45 9.46
CA ALA E 7 32.52 12.62 10.49
C ALA E 7 32.11 11.14 10.49
N PRO E 8 32.55 10.38 9.46
CA PRO E 8 32.11 8.99 9.33
C PRO E 8 32.64 8.10 10.47
N ASP E 9 33.49 8.66 11.31
CA ASP E 9 34.21 7.86 12.27
C ASP E 9 33.67 8.02 13.68
N VAL E 10 32.59 8.77 13.84
CA VAL E 10 31.89 8.84 15.14
C VAL E 10 30.89 7.72 15.24
N LEU E 11 30.67 7.04 14.13
CA LEU E 11 29.75 5.93 14.12
C LEU E 11 30.23 4.89 15.10
N GLU E 12 29.29 4.15 15.68
CA GLU E 12 29.64 3.05 16.59
C GLU E 12 28.70 1.89 16.42
N SER E 13 29.25 0.69 16.46
CA SER E 13 28.41 -0.47 16.43
C SER E 13 28.47 -1.18 17.75
N PHE E 14 27.46 -2.01 17.97
CA PHE E 14 27.45 -2.93 19.05
C PHE E 14 26.92 -4.29 18.56
N PRO E 15 27.25 -5.36 19.30
CA PRO E 15 26.95 -6.73 18.89
C PRO E 15 25.46 -7.05 18.89
N ASN E 16 25.01 -7.65 17.79
CA ASN E 16 23.62 -8.12 17.67
C ASN E 16 23.37 -9.36 18.53
N LYS E 17 22.36 -9.27 19.39
CA LYS E 17 22.02 -10.33 20.34
C LYS E 17 21.07 -11.40 19.77
N HIS E 18 20.65 -11.22 18.52
CA HIS E 18 19.71 -12.13 17.87
C HIS E 18 20.18 -12.44 16.47
N VAL E 19 21.46 -12.79 16.37
CA VAL E 19 22.11 -13.14 15.10
C VAL E 19 21.38 -14.30 14.40
N ASN E 20 20.76 -15.20 15.17
CA ASN E 20 19.91 -16.26 14.59
C ASN E 20 18.79 -15.80 13.69
N ARG E 21 18.15 -14.68 14.00
CA ARG E 21 17.11 -14.20 13.10
C ARG E 21 17.42 -12.97 12.26
N ASP E 22 16.48 -12.69 11.36
CA ASP E 22 16.43 -11.47 10.64
C ASP E 22 15.56 -10.50 11.43
N TYR E 23 16.27 -9.56 12.04
CA TYR E 23 15.69 -8.51 12.84
C TYR E 23 15.67 -7.27 11.92
N PHE E 24 14.50 -6.68 11.71
CA PHE E 24 14.43 -5.50 10.86
C PHE E 24 14.46 -4.18 11.65
N VAL E 25 15.39 -3.30 11.33
CA VAL E 25 15.50 -2.06 12.06
C VAL E 25 15.37 -0.84 11.17
N LYS E 26 14.28 -0.10 11.35
CA LYS E 26 14.09 1.17 10.64
C LYS E 26 14.34 2.42 11.50
N PHE E 27 15.22 3.31 11.02
CA PHE E 27 15.45 4.63 11.56
C PHE E 27 14.74 5.69 10.70
N ASN E 28 13.70 6.33 11.22
CA ASN E 28 13.15 7.53 10.50
C ASN E 28 13.90 8.79 10.90
N CYS E 29 14.35 9.57 9.94
CA CYS E 29 15.30 10.64 10.25
C CYS E 29 14.90 11.96 9.60
N PRO E 30 13.92 12.68 10.18
CA PRO E 30 13.34 13.86 9.51
C PRO E 30 14.14 15.12 9.71
N GLU E 31 15.16 15.04 10.52
CA GLU E 31 15.92 16.23 10.81
C GLU E 31 17.22 16.32 10.01
N PHE E 32 17.23 15.86 8.77
CA PHE E 32 18.49 15.80 7.99
C PHE E 32 18.75 17.02 7.10
N THR E 33 19.98 17.52 7.13
CA THR E 33 20.34 18.64 6.27
C THR E 33 21.84 18.67 5.90
N SER E 34 22.15 19.08 4.67
CA SER E 34 23.55 19.13 4.23
C SER E 34 23.75 20.17 3.15
N LEU E 35 25.00 20.35 2.75
CA LEU E 35 25.37 21.23 1.64
C LEU E 35 25.67 20.45 0.34
N CYS E 36 25.42 19.13 0.35
CA CYS E 36 25.65 18.28 -0.82
C CYS E 36 25.37 18.89 -2.21
N PRO E 37 24.31 19.71 -2.36
CA PRO E 37 24.12 20.36 -3.68
C PRO E 37 25.31 21.23 -4.07
N LYS E 38 25.68 21.13 -5.34
CA LYS E 38 26.85 21.83 -5.92
C LYS E 38 26.78 23.35 -5.80
N THR E 39 25.56 23.85 -5.83
CA THR E 39 25.25 25.26 -5.71
C THR E 39 25.84 25.86 -4.43
N GLY E 40 25.54 25.25 -3.29
CA GLY E 40 25.93 25.82 -2.00
C GLY E 40 24.75 26.06 -1.08
N GLN E 41 23.54 26.25 -1.65
CA GLN E 41 22.31 26.18 -0.84
C GLN E 41 22.32 24.85 -0.09
N PRO E 42 21.83 24.84 1.16
CA PRO E 42 21.66 23.55 1.84
C PRO E 42 20.46 22.81 1.32
N ASP E 43 20.35 21.54 1.70
CA ASP E 43 19.20 20.72 1.35
C ASP E 43 18.60 20.19 2.62
N PHE E 44 17.35 19.72 2.52
CA PHE E 44 16.69 19.19 3.72
C PHE E 44 15.90 18.00 3.29
N ALA E 45 15.75 17.03 4.17
CA ALA E 45 15.10 15.79 3.81
C ALA E 45 14.76 14.99 5.03
N THR E 46 13.76 14.13 4.87
CA THR E 46 13.58 13.01 5.77
C THR E 46 14.36 11.81 5.17
N ILE E 47 15.25 11.25 5.94
CA ILE E 47 15.94 10.07 5.50
C ILE E 47 15.41 8.85 6.21
N TYR E 48 15.03 7.83 5.45
CA TYR E 48 14.66 6.54 6.03
C TYR E 48 15.76 5.50 5.77
N ILE E 49 16.26 4.92 6.85
CA ILE E 49 17.29 3.92 6.81
C ILE E 49 16.78 2.64 7.43
N SER E 50 16.67 1.61 6.60
CA SER E 50 16.24 0.29 7.04
C SER E 50 17.36 -0.72 6.85
N TYR E 51 17.63 -1.51 7.89
CA TYR E 51 18.60 -2.56 7.72
C TYR E 51 18.27 -3.83 8.49
N ILE E 52 18.93 -4.91 8.08
CA ILE E 52 18.91 -6.16 8.81
C ILE E 52 20.36 -6.38 9.19
N PRO E 53 20.65 -6.24 10.49
CA PRO E 53 21.98 -6.52 11.03
C PRO E 53 22.39 -7.98 10.78
N ASP E 54 23.69 -8.17 10.62
CA ASP E 54 24.29 -9.47 10.84
C ASP E 54 24.82 -9.48 12.29
N GLU E 55 26.10 -9.22 12.47
CA GLU E 55 26.69 -9.44 13.77
C GLU E 55 26.70 -8.14 14.53
N LYS E 56 26.69 -7.05 13.77
CA LYS E 56 26.87 -5.73 14.35
C LYS E 56 25.65 -4.84 14.11
N MET E 57 25.27 -4.06 15.13
CA MET E 57 24.13 -3.14 15.06
C MET E 57 24.64 -1.74 15.22
N VAL E 58 24.15 -0.78 14.43
CA VAL E 58 24.57 0.61 14.72
C VAL E 58 23.85 1.21 15.92
N GLU E 59 24.61 1.91 16.74
CA GLU E 59 24.05 2.51 17.94
C GLU E 59 23.54 3.90 17.58
N SER E 60 22.35 4.21 18.07
CA SER E 60 21.55 5.30 17.56
C SER E 60 22.09 6.69 17.82
N LYS E 61 22.69 6.89 19.00
CA LYS E 61 23.23 8.19 19.33
C LYS E 61 24.33 8.50 18.36
N SER E 62 25.12 7.49 18.02
CA SER E 62 26.20 7.74 17.06
C SER E 62 25.66 8.03 15.65
N LEU E 63 24.48 7.49 15.32
CA LEU E 63 23.95 7.68 13.99
C LEU E 63 23.44 9.11 13.90
N LYS E 64 22.77 9.53 14.98
CA LYS E 64 22.36 10.93 15.15
C LYS E 64 23.52 11.89 14.84
N LEU E 65 24.66 11.69 15.52
CA LEU E 65 25.85 12.52 15.31
C LEU E 65 26.40 12.43 13.89
N TYR E 66 26.60 11.20 13.41
CA TYR E 66 27.07 11.00 12.05
C TYR E 66 26.26 11.89 11.11
N LEU E 67 24.93 11.79 11.24
CA LEU E 67 23.99 12.52 10.41
C LEU E 67 24.08 14.05 10.60
N PHE E 68 24.16 14.52 11.85
CA PHE E 68 24.37 15.95 12.08
C PHE E 68 25.65 16.41 11.36
N SER E 69 26.64 15.51 11.27
CA SER E 69 27.94 15.87 10.73
C SER E 69 27.92 16.22 9.27
N PHE E 70 26.79 15.97 8.59
CA PHE E 70 26.61 16.33 7.20
C PHE E 70 26.13 17.79 7.03
N ARG E 71 25.83 18.45 8.14
CA ARG E 71 25.28 19.83 8.16
C ARG E 71 26.03 20.83 7.29
N ASN E 72 27.36 20.75 7.38
CA ASN E 72 28.25 21.74 6.79
C ASN E 72 29.11 21.06 5.74
N HIS E 73 29.10 19.73 5.74
CA HIS E 73 29.69 18.94 4.65
C HIS E 73 28.85 18.99 3.42
N GLY E 74 29.49 19.05 2.25
CA GLY E 74 28.74 19.04 1.01
C GLY E 74 29.44 18.50 -0.23
N ASP E 75 30.47 17.69 -0.04
CA ASP E 75 31.29 17.27 -1.19
C ASP E 75 30.63 16.22 -2.09
N PHE E 76 30.79 16.43 -3.38
CA PHE E 76 30.41 15.43 -4.36
C PHE E 76 31.60 14.86 -5.16
N HIS E 77 32.48 14.19 -4.45
CA HIS E 77 33.21 13.07 -5.02
C HIS E 77 32.13 12.06 -5.36
N GLN E 78 31.29 11.75 -4.36
CA GLN E 78 30.21 10.75 -4.46
C GLN E 78 28.87 11.33 -4.00
N ASP E 79 27.76 10.69 -4.39
CA ASP E 79 26.44 11.07 -3.88
C ASP E 79 26.20 10.83 -2.38
N CYS E 80 25.40 11.68 -1.72
CA CYS E 80 25.19 11.62 -0.25
C CYS E 80 24.40 10.41 0.28
N MET E 81 23.34 9.99 -0.40
CA MET E 81 22.69 8.76 0.05
C MET E 81 23.67 7.57 0.02
N ASN E 82 24.54 7.53 -1.00
CA ASN E 82 25.47 6.44 -1.16
C ASN E 82 26.61 6.51 -0.17
N ILE E 83 27.12 7.72 0.05
CA ILE E 83 28.08 7.96 1.12
C ILE E 83 27.52 7.38 2.40
N ILE E 84 26.23 7.62 2.65
CA ILE E 84 25.63 7.21 3.92
C ILE E 84 25.56 5.70 4.00
N MET E 85 25.13 5.07 2.92
CA MET E 85 25.04 3.61 2.91
C MET E 85 26.43 2.96 3.06
N ASN E 86 27.41 3.53 2.38
CA ASN E 86 28.74 2.92 2.40
C ASN E 86 29.36 2.89 3.78
N ASP E 87 29.29 4.03 4.45
CA ASP E 87 29.89 4.13 5.76
C ASP E 87 29.19 3.13 6.65
N LEU E 88 27.93 2.88 6.36
CA LEU E 88 27.15 1.95 7.16
C LEU E 88 27.45 0.50 6.84
N ILE E 89 27.67 0.20 5.58
CA ILE E 89 28.14 -1.10 5.18
C ILE E 89 29.55 -1.36 5.76
N GLU E 90 30.45 -0.40 5.61
CA GLU E 90 31.76 -0.48 6.23
C GLU E 90 31.61 -0.84 7.69
N LEU E 91 30.70 -0.17 8.40
CA LEU E 91 30.68 -0.27 9.87
C LEU E 91 30.12 -1.58 10.41
N MET E 92 29.21 -2.19 9.64
CA MET E 92 28.33 -3.24 10.17
C MET E 92 28.36 -4.53 9.38
N ASP E 93 28.69 -4.46 8.08
CA ASP E 93 28.60 -5.64 7.21
C ASP E 93 27.26 -6.35 7.45
N PRO E 94 26.17 -5.70 7.07
CA PRO E 94 24.84 -6.20 7.42
C PRO E 94 24.29 -7.09 6.35
N ARG E 95 23.27 -7.86 6.68
CA ARG E 95 22.65 -8.69 5.66
C ARG E 95 22.05 -7.80 4.59
N TYR E 96 21.24 -6.82 4.99
CA TYR E 96 20.52 -5.95 4.06
C TYR E 96 20.46 -4.50 4.57
N ILE E 97 20.52 -3.53 3.64
CA ILE E 97 20.42 -2.14 3.97
C ILE E 97 19.81 -1.30 2.85
N GLU E 98 19.03 -0.27 3.19
CA GLU E 98 18.56 0.71 2.21
C GLU E 98 18.45 2.09 2.81
N VAL E 99 18.70 3.08 1.97
CA VAL E 99 18.68 4.47 2.34
C VAL E 99 17.77 5.23 1.38
N TRP E 100 16.71 5.81 1.93
CA TRP E 100 15.67 6.43 1.13
C TRP E 100 15.52 7.88 1.56
N GLY E 101 15.69 8.78 0.61
CA GLY E 101 15.60 10.21 0.90
C GLY E 101 14.32 10.73 0.34
N LYS E 102 13.62 11.57 1.14
CA LYS E 102 12.53 12.45 0.64
C LYS E 102 12.89 13.92 0.93
N PHE E 103 13.18 14.68 -0.12
CA PHE E 103 13.79 16.02 -0.01
C PHE E 103 12.75 17.10 -0.22
N THR E 104 13.03 18.30 0.27
CA THR E 104 12.20 19.47 -0.03
C THR E 104 12.44 20.06 -1.46
N PRO E 105 11.42 20.70 -2.06
CA PRO E 105 11.51 21.20 -3.45
C PRO E 105 12.57 22.27 -3.63
N ARG E 106 13.21 22.24 -4.80
CA ARG E 106 13.99 23.35 -5.33
C ARG E 106 13.56 23.51 -6.79
N GLY E 107 13.21 24.73 -7.18
CA GLY E 107 12.63 24.96 -8.49
C GLY E 107 11.35 24.18 -8.73
N GLY E 108 10.60 23.89 -7.66
CA GLY E 108 9.31 23.22 -7.85
C GLY E 108 9.41 21.70 -7.82
N ILE E 109 10.62 21.16 -7.93
CA ILE E 109 10.75 19.73 -8.04
C ILE E 109 11.31 19.16 -6.74
N SER E 110 10.81 18.01 -6.26
CA SER E 110 11.52 17.34 -5.15
C SER E 110 12.09 15.98 -5.55
N ILE E 111 13.30 15.72 -5.06
CA ILE E 111 14.08 14.55 -5.40
C ILE E 111 14.13 13.57 -4.25
N ASP E 112 13.81 12.31 -4.57
CA ASP E 112 13.74 11.20 -3.59
C ASP E 112 14.63 10.10 -4.10
N PRO E 113 15.91 10.18 -3.78
CA PRO E 113 16.79 9.12 -4.20
C PRO E 113 16.64 7.91 -3.26
N TYR E 114 17.04 6.76 -3.77
CA TYR E 114 16.97 5.50 -3.07
C TYR E 114 18.03 4.52 -3.66
N THR E 115 18.87 3.98 -2.76
CA THR E 115 19.77 2.83 -3.03
C THR E 115 19.59 1.80 -1.95
N ASN E 116 19.77 0.53 -2.31
CA ASN E 116 19.80 -0.58 -1.35
C ASN E 116 20.95 -1.52 -1.68
N TYR E 117 21.16 -2.49 -0.80
CA TYR E 117 22.25 -3.41 -0.89
C TYR E 117 21.88 -4.67 -0.11
N GLY E 118 22.29 -5.82 -0.64
CA GLY E 118 22.20 -7.07 0.11
C GLY E 118 23.43 -7.93 -0.15
N LYS E 119 23.89 -8.65 0.87
CA LYS E 119 25.05 -9.55 0.71
C LYS E 119 25.01 -10.34 -0.62
N PRO E 120 26.06 -10.20 -1.44
CA PRO E 120 26.12 -10.80 -2.79
C PRO E 120 25.82 -12.31 -2.79
N GLY E 121 24.97 -12.73 -3.73
CA GLY E 121 24.58 -14.12 -3.91
C GLY E 121 23.81 -14.75 -2.77
N THR E 122 23.28 -13.94 -1.86
CA THR E 122 22.50 -14.47 -0.75
C THR E 122 21.02 -14.16 -0.94
N LYS E 123 20.18 -14.61 -0.01
CA LYS E 123 18.77 -14.22 -0.14
C LYS E 123 18.59 -12.71 -0.01
N TYR E 124 19.49 -12.04 0.69
CA TYR E 124 19.40 -10.60 0.89
C TYR E 124 19.56 -9.83 -0.40
N GLU E 125 20.36 -10.36 -1.32
CA GLU E 125 20.53 -9.74 -2.62
C GLU E 125 19.23 -9.87 -3.36
N LYS E 126 18.53 -10.98 -3.14
CA LYS E 126 17.27 -11.20 -3.81
C LYS E 126 16.25 -10.18 -3.26
N MET E 127 16.32 -9.95 -1.97
CA MET E 127 15.50 -8.96 -1.34
C MET E 127 15.81 -7.54 -1.88
N ALA E 128 17.07 -7.14 -1.94
CA ALA E 128 17.42 -5.89 -2.61
C ALA E 128 16.81 -5.74 -3.98
N GLU E 129 16.86 -6.76 -4.82
CA GLU E 129 16.39 -6.62 -6.20
C GLU E 129 14.91 -6.43 -6.17
N TYR E 130 14.27 -7.30 -5.41
CA TYR E 130 12.84 -7.27 -5.18
C TYR E 130 12.32 -5.90 -4.63
N ARG E 131 12.97 -5.37 -3.58
CA ARG E 131 12.55 -4.11 -2.97
C ARG E 131 12.73 -2.94 -3.91
N MET E 132 13.69 -3.07 -4.82
CA MET E 132 13.95 -2.08 -5.82
C MET E 132 12.87 -2.17 -6.86
N MET E 133 12.42 -3.38 -7.12
CA MET E 133 11.43 -3.56 -8.16
C MET E 133 10.06 -3.02 -7.68
N ASN E 134 9.77 -3.19 -6.40
CA ASN E 134 8.54 -2.71 -5.80
C ASN E 134 8.68 -1.34 -5.13
N HIS E 135 9.77 -0.64 -5.42
CA HIS E 135 10.04 0.59 -4.72
C HIS E 135 9.11 1.72 -5.08
N ASP E 136 8.52 2.29 -4.04
CA ASP E 136 7.75 3.50 -4.17
C ASP E 136 6.62 3.29 -5.17
N LEU E 137 6.04 2.10 -5.12
CA LEU E 137 5.02 1.74 -6.09
C LEU E 137 3.75 2.52 -5.87
N TYR E 138 3.50 2.93 -4.63
CA TYR E 138 2.29 3.71 -4.30
C TYR E 138 2.69 5.03 -3.70
N PRO E 139 3.04 5.98 -4.58
CA PRO E 139 3.72 7.21 -4.22
C PRO E 139 2.82 8.09 -3.34
N GLU E 140 3.41 9.09 -2.74
CA GLU E 140 2.59 9.95 -1.97
C GLU E 140 2.20 11.22 -2.73
N THR E 141 0.98 11.69 -2.48
CA THR E 141 0.48 12.97 -3.00
C THR E 141 1.51 14.02 -2.63
N ILE E 142 2.13 14.61 -3.63
CA ILE E 142 3.09 15.69 -3.40
C ILE E 142 2.59 16.96 -4.07
N ASP E 143 1.99 17.86 -3.28
CA ASP E 143 1.52 19.15 -3.83
C ASP E 143 2.37 20.37 -3.46
N ASN E 144 3.55 20.11 -2.87
CA ASN E 144 4.50 21.15 -2.44
C ASN E 144 4.17 21.78 -1.07
N ARG E 145 3.05 21.39 -0.47
CA ARG E 145 2.61 21.91 0.83
C ARG E 145 2.22 20.71 1.70
MG MG F . 3.66 14.08 11.23
MG MG G . 11.26 -15.86 27.70
C1 PGE H . 5.55 -24.64 1.08
O1 PGE H . 4.61 -23.94 0.26
C2 PGE H . 4.78 -25.61 1.97
O2 PGE H . 5.68 -26.25 2.87
C3 PGE H . 6.09 -27.55 2.45
C4 PGE H . 7.61 -27.60 2.47
O4 PGE H . 10.40 -26.13 -0.32
C6 PGE H . 10.09 -27.14 0.64
C5 PGE H . 9.60 -26.47 1.93
O3 PGE H . 8.18 -26.41 1.92
MG MG I . -8.34 8.32 13.96
C1 PGE J . -11.75 -15.30 -15.39
O1 PGE J . -12.18 -15.29 -16.78
C2 PGE J . -12.12 -16.59 -14.66
O2 PGE J . -13.55 -16.72 -14.56
C3 PGE J . -13.97 -17.75 -13.65
C4 PGE J . -14.52 -19.00 -14.36
O4 PGE J . -14.16 -17.76 -17.41
C6 PGE J . -15.19 -18.72 -17.72
C5 PGE J . -15.58 -19.53 -16.47
O3 PGE J . -15.56 -18.66 -15.32
C1 PGE K . -18.26 20.53 -18.80
O1 PGE K . -17.03 20.25 -19.48
C2 PGE K . -18.52 19.61 -17.62
O2 PGE K . -19.47 18.60 -17.99
C3 PGE K . -20.08 17.92 -16.86
C4 PGE K . -20.83 16.65 -17.25
O4 PGE K . -24.51 16.46 -20.43
C6 PGE K . -23.18 16.92 -20.13
C5 PGE K . -22.53 16.15 -18.95
O3 PGE K . -21.23 16.69 -18.63
MG MG L . 26.11 1.05 -20.68
MG MG M . -10.19 14.46 -2.48
O2 PGE N . 26.22 -3.36 -12.63
C3 PGE N . 24.81 -3.46 -12.89
C4 PGE N . 24.02 -3.03 -11.64
O4 PGE N . 24.04 -4.88 -7.72
C6 PGE N . 23.32 -3.81 -8.36
C5 PGE N . 23.09 -4.14 -9.83
O3 PGE N . 24.29 -3.95 -10.57
MG MG O . -1.04 18.92 0.53
MG MG P . 28.60 -13.32 9.15
#